data_5KPM
#
_entry.id   5KPM
#
_cell.length_a   63.976
_cell.length_b   67.489
_cell.length_c   67.632
_cell.angle_alpha   79.140
_cell.angle_beta   76.720
_cell.angle_gamma   88.890
#
_symmetry.space_group_name_H-M   'P 1'
#
loop_
_entity.id
_entity.type
_entity.pdbx_description
1 polymer 'Glycogen synthase kinase-3 beta'
2 non-polymer (4~{S})-3-(2,2-dimethylpropyl)-4,7,7-trimethyl-4-phenyl-2,6,8,9-tetrahydropyrazolo[3,4-b]quinolin-5-one
3 water water
#
_entity_poly.entity_id   1
_entity_poly.type   'polypeptide(L)'
_entity_poly.pdbx_seq_one_letter_code
;GSPGMSGRPRTTSFAESCKPVQQPSAFGSMKVSRDKDGSKVTTVVATPGQGPDRPQEVSYTDTKVIGNGSFGVVYQAKLC
DSGELVAIKKVLQDKRFKNRELQIMRKLDHCNIVRLRYFFYSSGEKKDEVYLNLVLDYVPETVYRVARHYSRAKQTLPVI
YVKLYMYQLFRSLAYIHSFGICHRDIKPQNLLLDPDTAVLKLCDFGSAKQLVRGEPNVS(PTR)ICSRYYRAPELIFGAT
DYTSSIDVWSAGCVLAELLLGQPIFPGDSGVDQLVEIIKVLGTPTREQIREMNPNYTEFKFPQIKAHPWTKVFRPRTPPE
AIALCSRLLEYTPTARLTPLEACAHSFFDELRDPNVKLPNGRDTPALFNFTTQELSSNPPLATILIPPHARIQAAASTPT
NATAASDANTGDRGQTNNAASASASNST
;
_entity_poly.pdbx_strand_id   A,B
#
# COMPACT_ATOMS: atom_id res chain seq x y z
N LYS A 40 -36.35 5.03 -0.66
CA LYS A 40 -35.70 6.39 -0.56
C LYS A 40 -34.88 6.73 -1.80
N VAL A 41 -35.31 7.78 -2.50
CA VAL A 41 -34.75 8.11 -3.81
C VAL A 41 -33.99 9.44 -3.83
N THR A 42 -32.79 9.43 -4.42
CA THR A 42 -31.93 10.60 -4.56
C THR A 42 -31.98 10.99 -6.04
N THR A 43 -32.21 12.27 -6.28
CA THR A 43 -32.20 12.86 -7.63
C THR A 43 -31.06 13.84 -7.70
N VAL A 44 -30.27 13.78 -8.75
CA VAL A 44 -29.23 14.77 -8.93
C VAL A 44 -29.16 15.24 -10.38
N VAL A 45 -28.55 16.39 -10.56
CA VAL A 45 -28.32 16.92 -11.86
C VAL A 45 -26.89 16.57 -12.28
N ALA A 46 -26.77 15.57 -13.15
CA ALA A 46 -25.52 14.98 -13.54
C ALA A 46 -25.29 15.18 -15.02
N THR A 47 -24.10 15.59 -15.37
CA THR A 47 -23.65 15.66 -16.76
C THR A 47 -23.22 14.28 -17.26
N PRO A 48 -23.76 13.80 -18.39
CA PRO A 48 -23.21 12.57 -18.95
C PRO A 48 -21.71 12.74 -19.29
N GLY A 49 -20.94 11.64 -19.20
CA GLY A 49 -19.47 11.67 -19.41
C GLY A 49 -19.01 11.64 -20.87
N GLN A 50 -19.69 10.81 -21.66
CA GLN A 50 -19.48 10.68 -23.10
C GLN A 50 -20.70 11.34 -23.75
N GLY A 51 -20.89 12.64 -23.55
CA GLY A 51 -22.05 13.31 -24.12
C GLY A 51 -21.86 14.80 -24.25
N PRO A 52 -22.74 15.47 -25.06
CA PRO A 52 -22.68 16.93 -25.10
C PRO A 52 -22.81 17.45 -23.69
N ASP A 53 -22.18 18.59 -23.41
CA ASP A 53 -21.95 19.09 -22.04
C ASP A 53 -23.24 19.45 -21.26
N ARG A 54 -24.30 18.61 -21.34
CA ARG A 54 -25.74 18.99 -21.11
C ARG A 54 -26.41 18.26 -19.90
N PRO A 55 -26.44 18.88 -18.70
CA PRO A 55 -26.92 18.18 -17.47
C PRO A 55 -28.38 17.76 -17.50
N GLN A 56 -28.69 16.59 -16.98
CA GLN A 56 -30.06 16.11 -16.89
C GLN A 56 -30.28 15.58 -15.49
N GLU A 57 -31.54 15.46 -15.07
CA GLU A 57 -31.91 14.83 -13.79
C GLU A 57 -31.62 13.32 -13.86
N VAL A 58 -31.02 12.77 -12.79
CA VAL A 58 -30.76 11.33 -12.66
C VAL A 58 -31.13 10.91 -11.25
N SER A 59 -31.84 9.78 -11.18
CA SER A 59 -32.29 9.28 -9.91
C SER A 59 -31.80 7.86 -9.66
N TYR A 60 -31.52 7.61 -8.39
CA TYR A 60 -30.96 6.34 -8.02
C TYR A 60 -31.31 5.96 -6.58
N THR A 61 -31.07 4.71 -6.23
CA THR A 61 -31.50 4.21 -4.92
C THR A 61 -30.62 3.04 -4.46
N ASP A 62 -30.83 2.57 -3.22
CA ASP A 62 -30.11 1.42 -2.67
C ASP A 62 -28.64 1.76 -2.53
N THR A 63 -28.36 2.86 -1.85
CA THR A 63 -27.00 3.32 -1.68
C THR A 63 -26.30 2.50 -0.60
N LYS A 64 -25.12 1.94 -0.91
CA LYS A 64 -24.23 1.33 0.11
C LYS A 64 -22.76 1.57 -0.20
N VAL A 65 -21.92 1.62 0.85
CA VAL A 65 -20.48 1.85 0.69
C VAL A 65 -19.86 0.56 0.23
N ILE A 66 -18.90 0.65 -0.69
CA ILE A 66 -18.12 -0.48 -1.19
C ILE A 66 -16.62 -0.21 -1.38
N GLY A 67 -16.11 0.98 -1.03
CA GLY A 67 -14.75 1.35 -1.40
C GLY A 67 -14.29 2.65 -0.80
N ASN A 68 -13.00 2.96 -0.96
CA ASN A 68 -12.18 3.68 0.03
C ASN A 68 -10.83 4.10 -0.53
N GLY A 69 -10.35 5.29 -0.21
CA GLY A 69 -8.99 5.64 -0.61
C GLY A 69 -8.64 7.03 -0.20
N SER A 70 -7.41 7.45 -0.53
CA SER A 70 -7.00 8.79 -0.12
C SER A 70 -7.99 9.80 -0.72
N PHE A 71 -8.47 9.51 -1.93
CA PHE A 71 -9.51 10.30 -2.62
C PHE A 71 -10.87 10.56 -1.92
N GLY A 72 -11.37 9.60 -1.16
CA GLY A 72 -12.74 9.67 -0.64
C GLY A 72 -13.29 8.27 -0.66
N VAL A 73 -14.50 8.08 -1.17
CA VAL A 73 -15.30 6.86 -0.90
C VAL A 73 -16.06 6.38 -2.14
N VAL A 74 -16.42 5.10 -2.21
CA VAL A 74 -17.10 4.58 -3.38
C VAL A 74 -18.33 3.93 -2.91
N TYR A 75 -19.43 4.31 -3.54
CA TYR A 75 -20.76 3.75 -3.25
C TYR A 75 -21.27 2.96 -4.40
N GLN A 76 -22.19 2.06 -4.08
CA GLN A 76 -23.03 1.38 -5.04
C GLN A 76 -24.43 2.03 -5.05
N ALA A 77 -25.05 2.10 -6.23
CA ALA A 77 -26.43 2.52 -6.35
C ALA A 77 -27.09 1.84 -7.51
N LYS A 78 -28.40 1.92 -7.50
CA LYS A 78 -29.26 1.33 -8.51
C LYS A 78 -29.98 2.50 -9.13
N LEU A 79 -29.77 2.66 -10.44
CA LEU A 79 -30.48 3.65 -11.23
C LEU A 79 -31.94 3.29 -11.35
N CYS A 80 -32.84 4.23 -11.09
CA CYS A 80 -34.28 3.98 -11.17
C CYS A 80 -34.75 3.74 -12.60
N ASP A 81 -34.28 4.55 -13.54
CA ASP A 81 -34.51 4.30 -14.99
C ASP A 81 -34.36 2.81 -15.43
N SER A 82 -33.12 2.32 -15.50
CA SER A 82 -32.84 0.98 -16.00
C SER A 82 -32.85 -0.10 -14.92
N GLY A 83 -32.92 0.27 -13.64
CA GLY A 83 -32.69 -0.71 -12.58
C GLY A 83 -31.23 -1.19 -12.48
N GLU A 84 -30.34 -0.59 -13.28
CA GLU A 84 -28.94 -1.02 -13.42
C GLU A 84 -28.09 -0.59 -12.25
N LEU A 85 -27.08 -1.40 -11.93
CA LEU A 85 -26.23 -1.15 -10.77
C LEU A 85 -24.98 -0.42 -11.20
N VAL A 86 -24.57 0.53 -10.36
CA VAL A 86 -23.45 1.38 -10.70
C VAL A 86 -22.64 1.72 -9.46
N ALA A 87 -21.44 2.23 -9.68
CA ALA A 87 -20.59 2.73 -8.62
C ALA A 87 -20.48 4.23 -8.73
N ILE A 88 -20.51 4.90 -7.58
CA ILE A 88 -20.31 6.33 -7.51
C ILE A 88 -19.05 6.56 -6.70
N LYS A 89 -18.02 7.08 -7.36
CA LYS A 89 -16.78 7.43 -6.74
C LYS A 89 -16.81 8.91 -6.33
N LYS A 90 -16.89 9.14 -5.02
CA LYS A 90 -17.04 10.46 -4.41
C LYS A 90 -15.68 11.03 -3.91
N VAL A 91 -15.27 12.17 -4.48
CA VAL A 91 -13.91 12.70 -4.35
C VAL A 91 -13.97 14.15 -3.93
N LEU A 92 -13.34 14.51 -2.81
CA LEU A 92 -13.20 15.95 -2.43
C LEU A 92 -12.51 16.67 -3.57
N GLN A 93 -13.07 17.77 -4.06
CA GLN A 93 -12.45 18.44 -5.20
C GLN A 93 -12.30 19.93 -4.98
N ASP A 94 -11.10 20.31 -4.53
CA ASP A 94 -10.59 21.68 -4.57
C ASP A 94 -11.00 22.39 -5.89
N LYS A 95 -11.85 23.41 -5.78
CA LYS A 95 -12.41 24.10 -6.95
C LYS A 95 -11.33 24.85 -7.75
N ARG A 96 -10.25 25.26 -7.07
CA ARG A 96 -9.01 25.67 -7.74
C ARG A 96 -8.74 24.75 -8.97
N PHE A 97 -8.53 23.45 -8.73
CA PHE A 97 -8.03 22.55 -9.78
C PHE A 97 -9.13 21.89 -10.60
N LYS A 98 -8.72 21.48 -11.79
CA LYS A 98 -9.43 20.46 -12.51
C LYS A 98 -9.08 19.13 -11.86
N ASN A 99 -9.96 18.15 -12.08
CA ASN A 99 -9.73 16.77 -11.68
C ASN A 99 -9.13 15.99 -12.85
N ARG A 100 -7.86 15.63 -12.69
CA ARG A 100 -7.11 14.85 -13.68
C ARG A 100 -7.92 13.61 -14.15
N GLU A 101 -8.48 12.86 -13.19
CA GLU A 101 -9.21 11.64 -13.52
C GLU A 101 -10.40 11.94 -14.41
N LEU A 102 -11.10 13.01 -14.10
CA LEU A 102 -12.27 13.39 -14.85
C LEU A 102 -11.93 13.77 -16.29
N GLN A 103 -10.96 14.66 -16.46
CA GLN A 103 -10.51 15.02 -17.84
C GLN A 103 -10.23 13.75 -18.63
N ILE A 104 -9.49 12.84 -18.02
CA ILE A 104 -9.13 11.60 -18.69
C ILE A 104 -10.38 10.77 -18.98
N MET A 105 -11.26 10.58 -17.99
CA MET A 105 -12.44 9.76 -18.22
C MET A 105 -13.38 10.30 -19.30
N ARG A 106 -13.47 11.62 -19.48
CA ARG A 106 -14.36 12.19 -20.51
C ARG A 106 -13.93 11.92 -21.96
N LYS A 107 -12.63 11.70 -22.17
CA LYS A 107 -12.12 11.29 -23.49
C LYS A 107 -12.36 9.83 -23.83
N LEU A 108 -12.43 8.92 -22.84
CA LEU A 108 -12.37 7.47 -23.09
C LEU A 108 -13.71 6.85 -23.44
N ASP A 109 -13.73 5.93 -24.40
CA ASP A 109 -14.98 5.31 -24.85
C ASP A 109 -14.59 3.98 -25.44
N HIS A 110 -14.59 2.95 -24.59
CA HIS A 110 -14.02 1.68 -24.98
C HIS A 110 -14.65 0.50 -24.24
N CYS A 111 -14.86 -0.57 -24.97
CA CYS A 111 -15.58 -1.73 -24.47
C CYS A 111 -14.85 -2.35 -23.25
N ASN A 112 -13.53 -2.38 -23.33
CA ASN A 112 -12.64 -2.83 -22.24
C ASN A 112 -12.15 -1.77 -21.24
N ILE A 113 -12.80 -0.60 -21.20
CA ILE A 113 -12.57 0.38 -20.13
C ILE A 113 -13.91 0.65 -19.45
N VAL A 114 -13.90 0.65 -18.11
CA VAL A 114 -15.04 1.12 -17.30
C VAL A 114 -15.53 2.45 -17.84
N ARG A 115 -16.84 2.59 -18.03
CA ARG A 115 -17.37 3.81 -18.65
C ARG A 115 -17.90 4.75 -17.59
N LEU A 116 -17.61 6.03 -17.77
CA LEU A 116 -18.17 7.10 -16.96
C LEU A 116 -19.55 7.38 -17.50
N ARG A 117 -20.59 6.97 -16.77
CA ARG A 117 -21.97 7.20 -17.23
C ARG A 117 -22.28 8.67 -17.06
N TYR A 118 -21.98 9.19 -15.87
CA TYR A 118 -22.40 10.51 -15.40
C TYR A 118 -21.43 11.00 -14.42
N PHE A 119 -21.30 12.31 -14.31
CA PHE A 119 -20.64 12.88 -13.15
C PHE A 119 -21.37 14.07 -12.69
N PHE A 120 -21.15 14.45 -11.45
CA PHE A 120 -22.00 15.44 -10.84
C PHE A 120 -21.44 15.93 -9.53
N TYR A 121 -21.82 17.13 -9.10
CA TYR A 121 -21.25 17.69 -7.88
C TYR A 121 -22.21 17.68 -6.72
N SER A 122 -21.68 17.71 -5.50
CA SER A 122 -22.49 17.67 -4.27
C SER A 122 -21.78 18.37 -3.13
N SER A 123 -22.35 18.29 -1.92
CA SER A 123 -21.79 18.96 -0.73
C SER A 123 -21.66 17.98 0.46
N GLY A 124 -21.09 18.45 1.57
CA GLY A 124 -20.89 17.64 2.81
C GLY A 124 -21.29 18.39 4.08
N ASP A 128 -17.78 25.18 2.58
CA ASP A 128 -16.95 25.21 1.36
C ASP A 128 -16.81 23.86 0.71
N GLU A 129 -17.33 22.80 1.34
CA GLU A 129 -17.03 21.42 0.94
C GLU A 129 -17.72 21.10 -0.39
N VAL A 130 -16.92 20.95 -1.46
CA VAL A 130 -17.43 20.55 -2.80
C VAL A 130 -16.84 19.21 -3.29
N TYR A 131 -17.69 18.23 -3.56
CA TYR A 131 -17.27 16.90 -4.02
C TYR A 131 -17.65 16.65 -5.47
N LEU A 132 -16.73 16.02 -6.20
CA LEU A 132 -17.01 15.43 -7.51
C LEU A 132 -17.50 14.03 -7.29
N ASN A 133 -18.58 13.63 -7.93
CA ASN A 133 -19.04 12.25 -7.89
C ASN A 133 -18.92 11.70 -9.32
N LEU A 134 -18.41 10.49 -9.46
CA LEU A 134 -18.26 9.90 -10.75
C LEU A 134 -19.11 8.66 -10.80
N VAL A 135 -20.08 8.62 -11.72
CA VAL A 135 -20.94 7.45 -11.86
C VAL A 135 -20.31 6.56 -12.90
N LEU A 136 -19.91 5.38 -12.44
CA LEU A 136 -19.12 4.49 -13.22
C LEU A 136 -19.76 3.11 -13.20
N ASP A 137 -19.31 2.23 -14.07
CA ASP A 137 -19.88 0.91 -14.10
C ASP A 137 -19.63 0.18 -12.78
N TYR A 138 -20.57 -0.68 -12.40
CA TYR A 138 -20.31 -1.62 -11.32
C TYR A 138 -20.22 -2.96 -11.92
N VAL A 139 -19.14 -3.69 -11.64
CA VAL A 139 -18.95 -5.02 -12.14
C VAL A 139 -18.71 -5.94 -10.94
N PRO A 140 -19.33 -7.13 -10.90
CA PRO A 140 -19.32 -7.86 -9.62
C PRO A 140 -18.00 -8.58 -9.24
N GLU A 141 -17.15 -8.94 -10.21
CA GLU A 141 -15.89 -9.64 -9.89
C GLU A 141 -14.67 -8.90 -10.37
N THR A 142 -13.49 -9.37 -10.00
CA THR A 142 -12.22 -8.89 -10.57
C THR A 142 -11.30 -10.06 -10.92
N VAL A 143 -10.26 -9.81 -11.70
CA VAL A 143 -9.24 -10.83 -11.97
C VAL A 143 -8.56 -11.21 -10.67
N TYR A 144 -8.43 -10.27 -9.76
CA TYR A 144 -7.81 -10.62 -8.51
C TYR A 144 -8.61 -11.73 -7.85
N ARG A 145 -9.90 -11.50 -7.69
CA ARG A 145 -10.69 -12.48 -6.96
C ARG A 145 -10.77 -13.87 -7.57
N VAL A 146 -10.89 -13.91 -8.89
CA VAL A 146 -10.94 -15.15 -9.64
C VAL A 146 -9.61 -15.88 -9.59
N ALA A 147 -8.52 -15.23 -9.98
CA ALA A 147 -7.19 -15.81 -9.76
C ALA A 147 -7.02 -16.39 -8.33
N ARG A 148 -7.55 -15.70 -7.33
CA ARG A 148 -7.44 -16.09 -5.91
C ARG A 148 -8.23 -17.35 -5.60
N HIS A 149 -9.43 -17.49 -6.18
CA HIS A 149 -10.23 -18.68 -5.97
C HIS A 149 -9.43 -19.87 -6.47
N TYR A 150 -8.83 -19.76 -7.66
CA TYR A 150 -8.04 -20.86 -8.22
C TYR A 150 -6.83 -21.24 -7.38
N SER A 151 -6.10 -20.26 -6.86
CA SER A 151 -4.89 -20.61 -6.16
C SER A 151 -5.10 -20.96 -4.65
N ARG A 152 -6.16 -20.49 -3.99
CA ARG A 152 -6.52 -21.01 -2.65
C ARG A 152 -6.75 -22.53 -2.80
N ALA A 153 -7.25 -22.96 -3.96
CA ALA A 153 -7.39 -24.39 -4.31
C ALA A 153 -6.16 -25.02 -5.01
N LYS A 154 -4.99 -24.41 -4.91
CA LYS A 154 -3.74 -24.90 -5.54
C LYS A 154 -3.77 -25.08 -7.05
N GLN A 155 -4.91 -24.79 -7.68
CA GLN A 155 -5.10 -24.99 -9.11
C GLN A 155 -4.66 -23.83 -10.00
N THR A 156 -4.52 -24.19 -11.27
CA THR A 156 -4.17 -23.29 -12.35
C THR A 156 -5.45 -22.74 -12.95
N LEU A 157 -5.48 -21.44 -13.18
CA LEU A 157 -6.53 -20.85 -14.04
C LEU A 157 -6.41 -21.36 -15.52
N PRO A 158 -7.49 -21.92 -16.08
CA PRO A 158 -7.37 -22.42 -17.43
C PRO A 158 -6.83 -21.40 -18.39
N VAL A 159 -5.96 -21.85 -19.26
CA VAL A 159 -5.23 -20.98 -20.15
C VAL A 159 -6.14 -20.25 -21.12
N ILE A 160 -7.28 -20.80 -21.48
CA ILE A 160 -8.23 -20.00 -22.30
C ILE A 160 -8.56 -18.65 -21.62
N TYR A 161 -8.81 -18.67 -20.31
CA TYR A 161 -9.14 -17.44 -19.58
C TYR A 161 -7.95 -16.46 -19.52
N VAL A 162 -6.76 -17.01 -19.41
CA VAL A 162 -5.53 -16.24 -19.46
C VAL A 162 -5.48 -15.57 -20.79
N LYS A 163 -5.78 -16.28 -21.87
CA LYS A 163 -5.78 -15.60 -23.17
C LYS A 163 -6.85 -14.53 -23.23
N LEU A 164 -8.05 -14.85 -22.74
CA LEU A 164 -9.17 -13.93 -22.81
C LEU A 164 -8.94 -12.65 -22.04
N TYR A 165 -8.56 -12.82 -20.78
CA TYR A 165 -8.33 -11.68 -19.94
C TYR A 165 -7.13 -10.83 -20.42
N MET A 166 -6.00 -11.45 -20.68
CA MET A 166 -4.82 -10.66 -21.13
C MET A 166 -5.00 -9.93 -22.46
N TYR A 167 -5.69 -10.56 -23.40
CA TYR A 167 -5.95 -9.96 -24.70
C TYR A 167 -6.69 -8.69 -24.48
N GLN A 168 -7.71 -8.74 -23.64
CA GLN A 168 -8.53 -7.54 -23.40
C GLN A 168 -7.81 -6.46 -22.65
N LEU A 169 -6.89 -6.85 -21.78
CA LEU A 169 -6.11 -5.87 -21.08
C LEU A 169 -5.22 -5.19 -22.07
N PHE A 170 -4.51 -5.96 -22.91
CA PHE A 170 -3.66 -5.30 -23.95
C PHE A 170 -4.51 -4.46 -24.87
N ARG A 171 -5.74 -4.85 -25.16
CA ARG A 171 -6.57 -3.97 -25.95
C ARG A 171 -6.79 -2.62 -25.24
N SER A 172 -7.21 -2.68 -23.98
CA SER A 172 -7.46 -1.45 -23.25
C SER A 172 -6.24 -0.54 -23.24
N LEU A 173 -5.04 -1.10 -23.09
CA LEU A 173 -3.80 -0.28 -23.07
C LEU A 173 -3.43 0.31 -24.42
N ALA A 174 -3.67 -0.42 -25.50
CA ALA A 174 -3.51 0.11 -26.88
C ALA A 174 -4.33 1.38 -27.06
N TYR A 175 -5.57 1.34 -26.62
CA TYR A 175 -6.43 2.48 -26.71
C TYR A 175 -5.90 3.66 -25.92
N ILE A 176 -5.66 3.51 -24.63
CA ILE A 176 -5.26 4.69 -23.84
C ILE A 176 -3.85 5.15 -24.24
N HIS A 177 -2.98 4.23 -24.60
CA HIS A 177 -1.64 4.64 -25.00
C HIS A 177 -1.65 5.46 -26.26
N SER A 178 -2.55 5.12 -27.18
CA SER A 178 -2.84 5.97 -28.36
C SER A 178 -3.18 7.46 -28.04
N PHE A 179 -3.86 7.77 -26.95
CA PHE A 179 -3.97 9.19 -26.45
C PHE A 179 -2.73 9.66 -25.63
N GLY A 180 -1.66 8.87 -25.53
CA GLY A 180 -0.52 9.24 -24.67
C GLY A 180 -0.81 9.16 -23.18
N ILE A 181 -1.80 8.36 -22.80
CA ILE A 181 -2.18 8.23 -21.41
C ILE A 181 -1.63 6.95 -20.77
N CYS A 182 -0.96 7.11 -19.66
CA CYS A 182 -0.40 5.99 -18.96
C CYS A 182 -1.30 5.73 -17.77
N HIS A 183 -1.68 4.48 -17.56
CA HIS A 183 -2.58 4.14 -16.45
C HIS A 183 -1.84 4.22 -15.10
N ARG A 184 -0.64 3.64 -15.07
CA ARG A 184 0.28 3.61 -13.97
C ARG A 184 -0.26 2.94 -12.71
N ASP A 185 -1.20 2.04 -12.86
CA ASP A 185 -1.66 1.21 -11.78
C ASP A 185 -2.35 -0.09 -12.22
N ILE A 186 -1.71 -0.75 -13.16
CA ILE A 186 -2.21 -1.98 -13.66
C ILE A 186 -1.97 -2.98 -12.58
N LYS A 187 -3.03 -3.53 -12.04
CA LYS A 187 -2.94 -4.70 -11.18
C LYS A 187 -4.18 -5.61 -11.34
N PRO A 188 -4.07 -6.90 -11.01
CA PRO A 188 -5.28 -7.73 -11.20
C PRO A 188 -6.53 -7.17 -10.51
N GLN A 189 -6.36 -6.38 -9.43
CA GLN A 189 -7.45 -5.81 -8.66
C GLN A 189 -8.13 -4.69 -9.43
N ASN A 190 -7.48 -4.14 -10.45
CA ASN A 190 -8.06 -3.08 -11.23
C ASN A 190 -8.48 -3.63 -12.56
N LEU A 191 -8.65 -4.94 -12.65
CA LEU A 191 -9.31 -5.49 -13.80
C LEU A 191 -10.68 -6.05 -13.43
N LEU A 192 -11.72 -5.29 -13.76
CA LEU A 192 -13.12 -5.71 -13.56
C LEU A 192 -13.45 -6.83 -14.48
N LEU A 193 -14.36 -7.71 -14.05
CA LEU A 193 -14.62 -8.95 -14.79
C LEU A 193 -16.05 -9.43 -14.60
N ASP A 194 -16.84 -9.38 -15.68
CA ASP A 194 -18.13 -10.08 -15.71
C ASP A 194 -17.88 -11.58 -15.94
N PRO A 195 -18.11 -12.41 -14.90
CA PRO A 195 -17.68 -13.82 -15.00
C PRO A 195 -18.41 -14.65 -16.09
N ASP A 196 -19.63 -14.25 -16.44
CA ASP A 196 -20.53 -14.93 -17.37
C ASP A 196 -20.22 -14.56 -18.85
N THR A 197 -19.90 -13.28 -19.13
CA THR A 197 -19.57 -12.84 -20.50
C THR A 197 -18.07 -12.92 -20.84
N ALA A 198 -17.26 -13.07 -19.80
CA ALA A 198 -15.80 -12.92 -19.91
C ALA A 198 -15.30 -11.50 -20.32
N VAL A 199 -16.08 -10.45 -20.08
CA VAL A 199 -15.67 -9.10 -20.46
C VAL A 199 -14.87 -8.50 -19.32
N LEU A 200 -13.64 -8.12 -19.67
CA LEU A 200 -12.72 -7.50 -18.75
C LEU A 200 -12.79 -6.01 -18.99
N LYS A 201 -12.79 -5.22 -17.93
CA LYS A 201 -12.78 -3.79 -18.06
C LYS A 201 -11.73 -3.24 -17.13
N LEU A 202 -10.85 -2.42 -17.70
CA LEU A 202 -9.82 -1.75 -16.97
C LEU A 202 -10.47 -0.65 -16.17
N CYS A 203 -10.23 -0.62 -14.88
CA CYS A 203 -10.81 0.43 -14.03
C CYS A 203 -9.75 1.14 -13.19
N ASP A 204 -10.20 2.13 -12.41
CA ASP A 204 -9.42 2.93 -11.47
C ASP A 204 -8.32 3.79 -12.12
N PHE A 205 -8.69 5.00 -12.58
CA PHE A 205 -7.73 5.88 -13.25
C PHE A 205 -7.22 7.00 -12.35
N GLY A 206 -7.21 6.76 -11.03
CA GLY A 206 -6.75 7.75 -10.06
C GLY A 206 -5.29 8.17 -10.21
N SER A 207 -4.42 7.24 -10.61
CA SER A 207 -3.03 7.53 -10.89
C SER A 207 -2.78 7.81 -12.35
N ALA A 208 -3.78 7.79 -13.24
CA ALA A 208 -3.47 7.84 -14.68
C ALA A 208 -3.01 9.22 -15.06
N LYS A 209 -2.29 9.36 -16.17
CA LYS A 209 -1.74 10.66 -16.60
C LYS A 209 -1.32 10.66 -18.06
N GLN A 210 -1.39 11.82 -18.68
CA GLN A 210 -0.88 12.07 -20.02
C GLN A 210 0.59 12.39 -19.84
N LEU A 211 1.45 11.57 -20.42
CA LEU A 211 2.88 11.83 -20.43
C LEU A 211 3.27 12.51 -21.74
N VAL A 212 4.05 13.56 -21.59
CA VAL A 212 4.62 14.32 -22.71
C VAL A 212 6.13 14.24 -22.53
N ARG A 213 6.87 13.89 -23.59
CA ARG A 213 8.35 13.89 -23.51
C ARG A 213 8.87 15.23 -22.97
N GLY A 214 9.86 15.20 -22.10
CA GLY A 214 10.36 16.43 -21.51
C GLY A 214 9.83 16.63 -20.12
N GLU A 215 8.51 16.64 -19.94
CA GLU A 215 7.97 16.86 -18.59
C GLU A 215 8.25 15.65 -17.69
N PRO A 216 8.95 15.87 -16.56
CA PRO A 216 9.31 14.73 -15.72
C PRO A 216 8.09 14.22 -14.94
N ASN A 217 8.19 13.01 -14.40
CA ASN A 217 7.12 12.37 -13.62
C ASN A 217 7.62 11.63 -12.40
N VAL A 218 6.70 11.33 -11.50
CA VAL A 218 7.06 10.64 -10.25
C VAL A 218 7.50 9.16 -10.49
N SER A 219 8.57 8.77 -9.77
CA SER A 219 9.07 7.38 -9.74
C SER A 219 8.22 6.41 -8.93
N ILE A 221 5.38 5.12 -8.12
CA ILE A 221 4.11 5.10 -8.78
C ILE A 221 3.93 3.60 -9.10
N CYS A 222 2.70 3.20 -9.41
CA CYS A 222 2.27 1.80 -9.50
C CYS A 222 2.36 1.11 -8.20
N SER A 223 1.65 -0.02 -8.13
CA SER A 223 1.78 -0.93 -7.01
C SER A 223 3.04 -1.71 -7.15
N ARG A 224 3.69 -1.91 -6.02
CA ARG A 224 5.04 -2.41 -5.92
C ARG A 224 5.31 -3.60 -6.79
N TYR A 225 4.46 -4.62 -6.64
CA TYR A 225 4.66 -5.94 -7.28
C TYR A 225 4.60 -5.88 -8.81
N TYR A 226 4.04 -4.78 -9.28
CA TYR A 226 3.73 -4.59 -10.66
C TYR A 226 4.52 -3.41 -11.15
N ARG A 227 5.52 -2.96 -10.38
CA ARG A 227 6.23 -1.72 -10.68
C ARG A 227 7.48 -1.95 -11.53
N ALA A 228 7.52 -1.29 -12.67
CA ALA A 228 8.67 -1.40 -13.59
C ALA A 228 10.03 -0.99 -12.98
N PRO A 229 11.11 -1.64 -13.42
CA PRO A 229 12.40 -1.38 -12.84
C PRO A 229 12.97 0.02 -13.09
N GLU A 230 12.77 0.59 -14.28
CA GLU A 230 13.02 2.04 -14.45
C GLU A 230 12.62 2.82 -13.21
N LEU A 231 11.41 2.57 -12.74
CA LEU A 231 10.83 3.37 -11.68
C LEU A 231 11.52 3.12 -10.36
N ILE A 232 12.03 1.93 -10.15
CA ILE A 232 12.70 1.66 -8.91
C ILE A 232 14.10 2.25 -8.96
N PHE A 233 14.65 2.39 -10.16
CA PHE A 233 15.88 3.19 -10.34
C PHE A 233 15.67 4.74 -10.23
N GLY A 234 14.48 5.23 -9.89
CA GLY A 234 14.20 6.65 -9.80
C GLY A 234 13.96 7.36 -11.14
N ALA A 235 13.88 6.64 -12.26
CA ALA A 235 13.60 7.32 -13.52
C ALA A 235 12.41 8.29 -13.38
N THR A 236 12.55 9.52 -13.90
CA THR A 236 11.43 10.46 -14.02
C THR A 236 11.05 10.73 -15.49
N ASP A 237 11.73 10.08 -16.43
CA ASP A 237 11.58 10.34 -17.86
C ASP A 237 10.93 9.13 -18.58
N TYR A 238 10.09 8.38 -17.86
CA TYR A 238 9.61 7.07 -18.35
C TYR A 238 8.53 7.18 -19.41
N THR A 239 8.23 6.07 -20.05
CA THR A 239 7.15 6.07 -21.02
C THR A 239 5.99 5.25 -20.50
N SER A 240 4.98 5.16 -21.34
CA SER A 240 3.86 4.27 -21.09
C SER A 240 4.25 2.78 -21.15
N SER A 241 5.45 2.45 -21.55
CA SER A 241 5.84 1.05 -21.46
C SER A 241 5.91 0.55 -19.96
N ILE A 242 5.84 1.41 -18.96
CA ILE A 242 5.70 0.88 -17.60
C ILE A 242 4.43 0.02 -17.42
N ASP A 243 3.32 0.44 -18.05
CA ASP A 243 2.07 -0.32 -17.99
C ASP A 243 2.20 -1.74 -18.54
N VAL A 244 3.03 -1.90 -19.57
CA VAL A 244 3.35 -3.18 -20.18
C VAL A 244 4.20 -4.12 -19.28
N TRP A 245 5.16 -3.54 -18.58
CA TRP A 245 5.82 -4.29 -17.54
C TRP A 245 4.77 -4.84 -16.57
N SER A 246 3.89 -3.98 -16.11
CA SER A 246 2.91 -4.40 -15.13
C SER A 246 2.06 -5.49 -15.70
N ALA A 247 1.66 -5.34 -16.97
CA ALA A 247 0.82 -6.31 -17.66
C ALA A 247 1.50 -7.69 -17.74
N GLY A 248 2.78 -7.72 -18.06
CA GLY A 248 3.51 -8.96 -18.00
C GLY A 248 3.60 -9.56 -16.62
N CYS A 249 3.64 -8.71 -15.60
CA CYS A 249 3.53 -9.19 -14.15
C CYS A 249 2.18 -9.84 -13.82
N VAL A 250 1.11 -9.33 -14.42
CA VAL A 250 -0.20 -9.92 -14.30
C VAL A 250 -0.23 -11.25 -15.05
N LEU A 251 0.17 -11.25 -16.33
CA LEU A 251 0.40 -12.51 -17.07
C LEU A 251 1.19 -13.54 -16.30
N ALA A 252 2.37 -13.21 -15.84
CA ALA A 252 3.15 -14.17 -15.05
C ALA A 252 2.39 -14.73 -13.86
N GLU A 253 1.73 -13.87 -13.12
CA GLU A 253 0.99 -14.24 -11.92
C GLU A 253 -0.13 -15.21 -12.23
N LEU A 254 -0.77 -15.02 -13.39
CA LEU A 254 -1.85 -15.89 -13.83
C LEU A 254 -1.40 -17.29 -14.27
N LEU A 255 -0.16 -17.41 -14.71
CA LEU A 255 0.46 -18.69 -14.99
C LEU A 255 1.10 -19.30 -13.73
N LEU A 256 1.56 -18.52 -12.77
CA LEU A 256 2.18 -19.09 -11.55
C LEU A 256 1.25 -19.26 -10.38
N GLY A 257 0.12 -18.57 -10.37
CA GLY A 257 -0.76 -18.63 -9.23
C GLY A 257 -0.38 -17.77 -8.05
N GLN A 258 0.78 -17.12 -8.11
CA GLN A 258 1.14 -16.09 -7.11
C GLN A 258 1.95 -14.98 -7.81
N PRO A 259 2.20 -13.85 -7.15
CA PRO A 259 3.00 -12.84 -7.82
C PRO A 259 4.40 -13.31 -8.10
N ILE A 260 4.91 -12.96 -9.28
CA ILE A 260 6.27 -13.28 -9.68
C ILE A 260 7.35 -12.49 -8.96
N PHE A 261 7.06 -11.26 -8.55
CA PHE A 261 8.06 -10.49 -7.82
C PHE A 261 7.47 -9.92 -6.52
N PRO A 262 7.40 -10.71 -5.41
CA PRO A 262 6.80 -10.22 -4.14
C PRO A 262 7.78 -9.53 -3.22
N GLY A 263 7.95 -8.23 -3.41
CA GLY A 263 8.99 -7.46 -2.74
C GLY A 263 8.57 -6.91 -1.41
N ASP A 264 9.49 -6.99 -0.44
CA ASP A 264 9.29 -6.47 0.94
C ASP A 264 9.20 -4.97 1.00
N SER A 265 9.81 -4.31 0.03
CA SER A 265 9.81 -2.86 -0.02
C SER A 265 10.11 -2.46 -1.47
N GLY A 266 9.79 -1.20 -1.76
CA GLY A 266 10.04 -0.58 -3.03
C GLY A 266 11.40 -0.82 -3.61
N VAL A 267 12.36 -1.15 -2.74
CA VAL A 267 13.73 -1.43 -3.12
C VAL A 267 14.01 -2.91 -3.09
N ASP A 268 13.46 -3.68 -2.14
CA ASP A 268 13.56 -5.15 -2.30
C ASP A 268 12.85 -5.64 -3.60
N GLN A 269 11.88 -4.88 -4.07
CA GLN A 269 11.32 -5.13 -5.37
C GLN A 269 12.39 -5.34 -6.46
N LEU A 270 13.43 -4.51 -6.50
CA LEU A 270 14.49 -4.73 -7.49
C LEU A 270 15.11 -6.11 -7.33
N VAL A 271 15.39 -6.47 -6.09
CA VAL A 271 16.09 -7.73 -5.82
C VAL A 271 15.30 -8.93 -6.34
N GLU A 272 14.00 -8.94 -5.99
CA GLU A 272 13.04 -9.95 -6.45
C GLU A 272 13.09 -10.12 -7.96
N ILE A 273 13.06 -9.00 -8.67
CA ILE A 273 13.19 -8.97 -10.15
C ILE A 273 14.51 -9.57 -10.61
N ILE A 274 15.60 -9.08 -10.00
CA ILE A 274 16.93 -9.54 -10.32
C ILE A 274 17.11 -11.04 -10.11
N LYS A 275 16.48 -11.62 -9.08
CA LYS A 275 16.52 -13.09 -8.98
C LYS A 275 16.01 -13.82 -10.23
N VAL A 276 15.14 -13.20 -11.00
CA VAL A 276 14.56 -13.87 -12.13
C VAL A 276 15.29 -13.46 -13.40
N LEU A 277 15.38 -12.18 -13.68
CA LEU A 277 16.00 -11.73 -14.91
C LEU A 277 17.51 -11.67 -14.81
N GLY A 278 18.02 -11.81 -13.59
CA GLY A 278 19.44 -11.59 -13.32
C GLY A 278 19.84 -10.13 -13.30
N THR A 279 21.04 -9.86 -12.83
CA THR A 279 21.58 -8.51 -12.78
C THR A 279 21.53 -7.83 -14.15
N PRO A 280 20.98 -6.62 -14.19
CA PRO A 280 20.96 -5.88 -15.44
C PRO A 280 22.34 -5.45 -15.87
N THR A 281 22.60 -5.54 -17.16
CA THR A 281 23.85 -5.07 -17.76
C THR A 281 23.97 -3.53 -17.71
N ARG A 282 25.19 -3.07 -17.91
CA ARG A 282 25.54 -1.65 -17.85
C ARG A 282 24.69 -0.87 -18.89
N GLU A 283 24.49 -1.50 -20.05
CA GLU A 283 23.69 -0.93 -21.14
C GLU A 283 22.16 -0.89 -20.82
N GLN A 284 21.69 -1.92 -20.13
CA GLN A 284 20.30 -1.96 -19.66
C GLN A 284 20.11 -0.90 -18.58
N ILE A 285 21.04 -0.82 -17.65
CA ILE A 285 20.94 0.21 -16.62
C ILE A 285 20.89 1.59 -17.28
N ARG A 286 21.66 1.81 -18.34
CA ARG A 286 21.69 3.13 -19.03
C ARG A 286 20.34 3.43 -19.70
N GLU A 287 19.79 2.43 -20.37
CA GLU A 287 18.46 2.51 -21.00
C GLU A 287 17.26 2.80 -20.06
N MET A 288 17.40 2.52 -18.77
CA MET A 288 16.40 2.89 -17.78
C MET A 288 16.48 4.35 -17.30
N ASN A 289 17.48 5.13 -17.82
CA ASN A 289 17.72 6.59 -17.58
C ASN A 289 17.45 6.95 -16.15
N PRO A 290 18.27 6.38 -15.28
CA PRO A 290 17.94 6.37 -13.88
C PRO A 290 18.31 7.67 -13.23
N ASN A 291 17.90 7.81 -11.98
CA ASN A 291 18.35 8.90 -11.09
C ASN A 291 19.28 8.43 -9.94
N TYR A 292 19.39 7.13 -9.71
CA TYR A 292 20.32 6.59 -8.71
C TYR A 292 20.54 5.10 -9.01
N THR A 293 21.80 4.66 -9.05
CA THR A 293 22.12 3.23 -9.29
C THR A 293 22.89 2.59 -8.13
N GLU A 294 23.03 3.35 -7.03
CA GLU A 294 23.92 3.00 -5.93
C GLU A 294 23.16 2.02 -5.07
N PHE A 295 22.87 0.85 -5.63
CA PHE A 295 22.12 -0.17 -4.93
C PHE A 295 23.04 -1.22 -4.24
N LYS A 296 24.33 -1.21 -4.62
CA LYS A 296 25.32 -2.23 -4.22
C LYS A 296 24.76 -3.68 -4.16
N PHE A 297 24.06 -4.01 -5.27
CA PHE A 297 23.39 -5.30 -5.52
C PHE A 297 24.42 -6.42 -5.88
N PRO A 298 24.31 -7.59 -5.23
CA PRO A 298 25.09 -8.73 -5.76
C PRO A 298 24.79 -9.10 -7.22
N GLN A 299 25.77 -9.70 -7.88
CA GLN A 299 25.64 -10.24 -9.25
C GLN A 299 24.92 -11.57 -9.28
N ILE A 300 23.73 -11.62 -9.87
CA ILE A 300 22.96 -12.88 -9.97
C ILE A 300 22.85 -13.26 -11.45
N LYS A 301 22.97 -14.56 -11.78
CA LYS A 301 22.83 -15.05 -13.17
C LYS A 301 21.34 -15.13 -13.51
N ALA A 302 21.03 -14.97 -14.79
CA ALA A 302 19.63 -15.01 -15.24
C ALA A 302 19.08 -16.43 -15.09
N HIS A 303 18.00 -16.56 -14.33
CA HIS A 303 17.26 -17.81 -14.17
C HIS A 303 16.34 -17.95 -15.39
N PRO A 304 16.64 -18.85 -16.34
CA PRO A 304 16.01 -18.83 -17.68
C PRO A 304 14.49 -18.98 -17.64
N TRP A 305 13.79 -18.42 -18.62
CA TRP A 305 12.34 -18.25 -18.52
C TRP A 305 11.52 -19.50 -18.37
N THR A 306 11.90 -20.54 -19.11
CA THR A 306 11.13 -21.78 -19.21
C THR A 306 11.09 -22.52 -17.87
N LYS A 307 12.13 -22.34 -17.06
CA LYS A 307 12.23 -22.93 -15.73
C LYS A 307 11.51 -22.16 -14.61
N VAL A 308 11.04 -20.94 -14.90
CA VAL A 308 10.31 -20.13 -13.92
C VAL A 308 8.90 -20.69 -13.72
N PHE A 309 8.25 -21.10 -14.82
CA PHE A 309 6.87 -21.64 -14.81
C PHE A 309 6.77 -23.15 -14.77
N ARG A 310 5.59 -23.62 -14.38
CA ARG A 310 5.38 -25.03 -14.12
C ARG A 310 5.59 -25.76 -15.42
N PRO A 311 6.11 -27.00 -15.35
CA PRO A 311 6.36 -27.67 -16.62
C PRO A 311 5.09 -27.78 -17.45
N ARG A 312 5.29 -27.78 -18.77
CA ARG A 312 4.21 -27.75 -19.75
C ARG A 312 3.25 -26.54 -19.55
N THR A 313 3.82 -25.38 -19.28
CA THR A 313 3.18 -24.10 -19.55
C THR A 313 3.29 -23.88 -21.07
N PRO A 314 2.21 -23.44 -21.76
CA PRO A 314 2.41 -23.36 -23.23
C PRO A 314 3.57 -22.44 -23.62
N PRO A 315 4.42 -22.88 -24.56
CA PRO A 315 5.63 -22.13 -24.91
C PRO A 315 5.41 -20.68 -25.46
N GLU A 316 4.23 -20.42 -26.00
CA GLU A 316 3.87 -19.09 -26.48
C GLU A 316 3.60 -18.13 -25.31
N ALA A 317 3.10 -18.63 -24.19
CA ALA A 317 2.87 -17.76 -23.01
C ALA A 317 4.19 -17.24 -22.45
N ILE A 318 5.17 -18.13 -22.37
CA ILE A 318 6.53 -17.79 -21.98
C ILE A 318 7.19 -16.83 -22.99
N ALA A 319 7.02 -17.07 -24.29
CA ALA A 319 7.60 -16.14 -25.31
C ALA A 319 7.08 -14.70 -25.21
N LEU A 320 5.78 -14.59 -24.93
CA LEU A 320 5.10 -13.33 -24.70
C LEU A 320 5.59 -12.71 -23.39
N CYS A 321 5.49 -13.48 -22.32
CA CYS A 321 6.01 -13.06 -21.03
C CYS A 321 7.43 -12.49 -21.05
N SER A 322 8.35 -13.12 -21.77
CA SER A 322 9.74 -12.63 -21.79
C SER A 322 9.94 -11.33 -22.56
N ARG A 323 9.01 -10.98 -23.44
CA ARG A 323 9.12 -9.78 -24.24
C ARG A 323 8.37 -8.57 -23.66
N LEU A 324 7.68 -8.83 -22.55
CA LEU A 324 7.04 -7.82 -21.75
C LEU A 324 7.94 -7.49 -20.62
N LEU A 325 8.44 -8.52 -19.90
CA LEU A 325 9.29 -8.31 -18.72
C LEU A 325 10.75 -8.21 -19.07
N GLU A 326 11.08 -7.13 -19.78
CA GLU A 326 12.43 -6.81 -20.23
C GLU A 326 12.89 -5.57 -19.48
N TYR A 327 14.15 -5.56 -19.10
CA TYR A 327 14.74 -4.39 -18.43
C TYR A 327 14.68 -3.14 -19.26
N THR A 328 14.96 -3.27 -20.55
CA THR A 328 15.06 -2.11 -21.43
C THR A 328 13.66 -1.76 -21.86
N PRO A 329 13.17 -0.57 -21.49
CA PRO A 329 11.74 -0.30 -21.70
C PRO A 329 11.34 -0.23 -23.12
N THR A 330 12.27 0.18 -23.97
CA THR A 330 12.03 0.25 -25.42
C THR A 330 12.01 -1.10 -26.05
N ALA A 331 12.48 -2.12 -25.35
CA ALA A 331 12.50 -3.49 -25.89
C ALA A 331 11.18 -4.22 -25.72
N ARG A 332 10.27 -3.66 -24.90
CA ARG A 332 9.04 -4.37 -24.54
C ARG A 332 8.09 -4.18 -25.71
N LEU A 333 7.24 -5.17 -25.92
CA LEU A 333 6.20 -5.09 -26.91
C LEU A 333 5.26 -3.90 -26.61
N THR A 334 4.69 -3.33 -27.67
CA THR A 334 3.66 -2.34 -27.54
C THR A 334 2.42 -3.15 -27.26
N PRO A 335 1.43 -2.58 -26.55
CA PRO A 335 0.21 -3.31 -26.28
C PRO A 335 -0.40 -3.93 -27.53
N LEU A 336 -0.29 -3.25 -28.66
CA LEU A 336 -0.93 -3.71 -29.88
C LEU A 336 -0.23 -4.88 -30.52
N GLU A 337 1.10 -4.91 -30.47
CA GLU A 337 1.88 -6.09 -30.89
C GLU A 337 1.58 -7.30 -30.01
N ALA A 338 1.33 -7.00 -28.74
CA ALA A 338 0.99 -7.98 -27.74
C ALA A 338 -0.35 -8.63 -28.02
N CYS A 339 -1.37 -7.84 -28.43
CA CYS A 339 -2.63 -8.42 -28.95
C CYS A 339 -2.41 -9.28 -30.19
N ALA A 340 -1.45 -8.88 -31.03
CA ALA A 340 -1.10 -9.62 -32.25
C ALA A 340 -0.25 -10.88 -32.03
N HIS A 341 0.07 -11.19 -30.79
CA HIS A 341 1.01 -12.25 -30.51
C HIS A 341 0.34 -13.59 -30.72
N SER A 342 1.14 -14.60 -31.03
CA SER A 342 0.64 -15.89 -31.39
C SER A 342 0.00 -16.70 -30.26
N PHE A 343 0.08 -16.19 -29.02
CA PHE A 343 -0.43 -16.89 -27.83
C PHE A 343 -1.94 -16.71 -27.84
N PHE A 344 -2.38 -15.58 -28.42
CA PHE A 344 -3.79 -15.24 -28.55
C PHE A 344 -4.45 -15.84 -29.81
N ASP A 345 -3.72 -16.63 -30.61
CA ASP A 345 -4.29 -17.20 -31.85
C ASP A 345 -5.56 -18.00 -31.65
N GLU A 346 -5.65 -18.72 -30.53
CA GLU A 346 -6.87 -19.46 -30.15
C GLU A 346 -8.14 -18.59 -30.13
N LEU A 347 -7.99 -17.33 -29.72
CA LEU A 347 -9.06 -16.34 -29.75
C LEU A 347 -9.50 -15.92 -31.17
N ARG A 348 -8.64 -16.09 -32.16
CA ARG A 348 -8.95 -15.76 -33.53
C ARG A 348 -9.50 -16.95 -34.31
N ASP A 349 -9.52 -18.13 -33.69
CA ASP A 349 -10.16 -19.29 -34.30
C ASP A 349 -11.67 -19.07 -34.46
N PRO A 350 -12.23 -19.26 -35.70
CA PRO A 350 -13.67 -19.20 -35.98
C PRO A 350 -14.59 -19.96 -35.02
N ASN A 351 -14.13 -21.09 -34.49
CA ASN A 351 -14.95 -21.94 -33.64
C ASN A 351 -14.79 -21.70 -32.15
N VAL A 352 -14.04 -20.68 -31.77
CA VAL A 352 -13.70 -20.56 -30.37
C VAL A 352 -14.93 -20.12 -29.60
N LYS A 353 -15.05 -20.67 -28.38
CA LYS A 353 -16.20 -20.45 -27.51
C LYS A 353 -15.69 -20.45 -26.10
N LEU A 354 -16.47 -19.86 -25.22
CA LEU A 354 -16.14 -19.84 -23.80
C LEU A 354 -16.40 -21.20 -23.20
N PRO A 355 -15.69 -21.54 -22.12
CA PRO A 355 -16.00 -22.73 -21.34
C PRO A 355 -17.46 -22.92 -20.90
N ASN A 356 -18.23 -21.85 -20.78
CA ASN A 356 -19.65 -21.93 -20.41
C ASN A 356 -20.56 -21.96 -21.64
N GLY A 357 -19.99 -22.21 -22.81
CA GLY A 357 -20.74 -22.50 -24.02
C GLY A 357 -20.98 -21.30 -24.90
N ARG A 358 -20.91 -20.11 -24.31
CA ARG A 358 -21.31 -18.88 -24.99
C ARG A 358 -20.25 -18.42 -25.96
N ASP A 359 -20.55 -17.36 -26.70
CA ASP A 359 -19.57 -16.73 -27.58
C ASP A 359 -18.58 -15.92 -26.77
N THR A 360 -17.45 -15.64 -27.40
CA THR A 360 -16.49 -14.77 -26.82
C THR A 360 -17.04 -13.37 -26.96
N PRO A 361 -16.55 -12.42 -26.14
CA PRO A 361 -16.92 -11.03 -26.41
C PRO A 361 -16.35 -10.51 -27.71
N ALA A 362 -16.69 -9.26 -28.03
CA ALA A 362 -16.15 -8.58 -29.17
C ALA A 362 -14.67 -8.51 -28.95
N LEU A 363 -13.90 -9.02 -29.91
CA LEU A 363 -12.45 -8.98 -29.82
C LEU A 363 -11.76 -8.31 -31.00
N PHE A 364 -12.54 -8.04 -32.07
CA PHE A 364 -11.99 -7.74 -33.40
C PHE A 364 -12.45 -6.44 -33.99
N ASN A 365 -13.21 -5.69 -33.21
CA ASN A 365 -13.90 -4.51 -33.68
C ASN A 365 -13.02 -3.35 -33.31
N PHE A 366 -11.85 -3.30 -33.92
CA PHE A 366 -10.84 -2.28 -33.68
C PHE A 366 -11.25 -1.01 -34.36
N THR A 367 -10.88 0.12 -33.77
CA THR A 367 -11.04 1.39 -34.44
C THR A 367 -9.70 1.89 -35.00
N THR A 368 -9.80 2.92 -35.81
CA THR A 368 -8.66 3.62 -36.34
C THR A 368 -7.81 4.23 -35.23
N GLN A 369 -8.44 4.93 -34.28
CA GLN A 369 -7.76 5.42 -33.05
C GLN A 369 -6.98 4.29 -32.35
N GLU A 370 -7.62 3.13 -32.26
CA GLU A 370 -7.09 1.97 -31.56
C GLU A 370 -5.94 1.28 -32.33
N LEU A 371 -5.93 1.39 -33.67
CA LEU A 371 -4.84 0.82 -34.50
C LEU A 371 -3.69 1.78 -34.83
N SER A 372 -3.82 3.06 -34.46
CA SER A 372 -2.93 4.13 -34.93
C SER A 372 -1.45 3.80 -34.91
N SER A 373 -0.93 3.36 -33.76
CA SER A 373 0.51 3.06 -33.58
C SER A 373 1.12 2.05 -34.60
N ASN A 374 0.32 1.19 -35.24
CA ASN A 374 0.84 0.18 -36.17
C ASN A 374 -0.26 -0.48 -37.03
N PRO A 375 -0.97 0.32 -37.87
CA PRO A 375 -2.16 -0.14 -38.62
C PRO A 375 -2.05 -1.48 -39.42
N PRO A 376 -0.89 -1.80 -40.01
CA PRO A 376 -0.70 -3.09 -40.66
C PRO A 376 -1.04 -4.31 -39.83
N LEU A 377 -0.82 -4.23 -38.52
CA LEU A 377 -1.16 -5.34 -37.60
C LEU A 377 -2.60 -5.88 -37.73
N ALA A 378 -3.51 -5.03 -38.23
CA ALA A 378 -4.91 -5.40 -38.56
C ALA A 378 -5.06 -6.63 -39.43
N THR A 379 -4.09 -6.87 -40.30
CA THR A 379 -4.07 -8.10 -41.10
C THR A 379 -4.10 -9.30 -40.16
N ILE A 380 -3.30 -9.26 -39.09
CA ILE A 380 -3.30 -10.35 -38.08
C ILE A 380 -4.47 -10.24 -37.07
N LEU A 381 -4.70 -9.01 -36.59
CA LEU A 381 -5.61 -8.76 -35.48
C LEU A 381 -7.06 -9.05 -35.80
N ILE A 382 -7.49 -8.55 -36.95
CA ILE A 382 -8.84 -8.75 -37.47
C ILE A 382 -8.76 -9.86 -38.51
N PRO A 383 -9.22 -11.07 -38.15
CA PRO A 383 -9.11 -12.20 -39.04
C PRO A 383 -10.18 -12.22 -40.15
N PRO A 384 -10.04 -13.12 -41.17
CA PRO A 384 -11.03 -13.37 -42.25
C PRO A 384 -12.50 -13.35 -41.83
N HIS A 385 -12.84 -14.23 -40.90
CA HIS A 385 -14.22 -14.48 -40.54
C HIS A 385 -14.94 -13.33 -39.78
N ALA A 386 -14.34 -12.16 -39.59
CA ALA A 386 -15.03 -11.02 -38.97
C ALA A 386 -14.84 -9.80 -39.83
N ARG A 387 -15.78 -9.56 -40.76
CA ARG A 387 -15.84 -8.35 -41.62
C ARG A 387 -17.20 -7.67 -41.45
N LYS B 40 35.02 7.80 -1.89
CA LYS B 40 34.39 9.17 -1.99
C LYS B 40 33.88 9.51 -0.60
N VAL B 41 34.50 10.52 0.02
CA VAL B 41 33.98 11.11 1.25
C VAL B 41 33.12 12.31 0.89
N THR B 42 31.95 12.38 1.54
CA THR B 42 31.06 13.52 1.41
C THR B 42 31.03 14.26 2.75
N THR B 43 31.16 15.59 2.65
CA THR B 43 31.13 16.50 3.77
C THR B 43 29.95 17.44 3.58
N VAL B 44 29.11 17.55 4.60
CA VAL B 44 27.95 18.46 4.57
C VAL B 44 27.90 19.26 5.83
N VAL B 45 27.21 20.40 5.78
CA VAL B 45 26.99 21.20 7.00
C VAL B 45 25.62 20.89 7.59
N ALA B 46 25.60 20.33 8.79
CA ALA B 46 24.39 19.72 9.30
C ALA B 46 24.12 20.18 10.72
N THR B 47 22.89 20.61 10.93
CA THR B 47 22.41 20.95 12.24
C THR B 47 22.15 19.65 12.98
N PRO B 48 22.55 19.58 14.25
CA PRO B 48 22.12 18.43 15.03
C PRO B 48 20.61 18.53 15.31
N GLY B 49 19.93 17.39 15.36
CA GLY B 49 18.48 17.39 15.56
C GLY B 49 18.09 17.64 17.00
N GLN B 50 18.95 17.17 17.92
CA GLN B 50 18.65 17.09 19.34
C GLN B 50 19.11 18.39 19.99
N GLY B 51 20.36 18.77 19.73
CA GLY B 51 21.00 19.88 20.42
C GLY B 51 20.54 21.26 19.97
N PRO B 52 21.22 22.33 20.49
CA PRO B 52 20.98 23.74 20.05
C PRO B 52 21.25 23.94 18.56
N ASP B 53 20.55 24.88 17.94
CA ASP B 53 20.47 25.00 16.48
C ASP B 53 21.79 25.47 15.80
N ARG B 54 22.85 24.64 15.88
CA ARG B 54 24.26 25.03 15.62
C ARG B 54 24.96 24.15 14.56
N PRO B 55 24.87 24.52 13.25
CA PRO B 55 25.44 23.68 12.16
C PRO B 55 26.92 23.32 12.27
N GLN B 56 27.30 22.13 11.84
CA GLN B 56 28.69 21.73 11.80
C GLN B 56 28.95 20.83 10.63
N GLU B 57 30.19 20.80 10.18
CA GLU B 57 30.59 19.91 9.12
C GLU B 57 30.44 18.49 9.67
N VAL B 58 29.79 17.63 8.89
CA VAL B 58 29.80 16.18 9.13
C VAL B 58 30.16 15.47 7.83
N SER B 59 30.93 14.41 7.98
CA SER B 59 31.49 13.70 6.87
C SER B 59 31.09 12.24 6.98
N TYR B 60 30.75 11.69 5.83
CA TYR B 60 30.23 10.34 5.77
C TYR B 60 30.66 9.65 4.47
N THR B 61 30.47 8.35 4.44
CA THR B 61 31.04 7.57 3.35
C THR B 61 30.27 6.23 3.20
N ASP B 62 30.56 5.50 2.12
CA ASP B 62 30.03 4.15 1.89
C ASP B 62 28.52 4.25 1.71
N THR B 63 28.17 5.01 0.69
CA THR B 63 26.79 5.39 0.39
C THR B 63 26.09 4.31 -0.40
N LYS B 64 24.83 4.01 -0.07
CA LYS B 64 23.96 3.21 -0.97
C LYS B 64 22.47 3.40 -0.73
N VAL B 65 21.67 3.23 -1.79
CA VAL B 65 20.21 3.27 -1.73
C VAL B 65 19.71 2.04 -1.00
N ILE B 66 18.73 2.24 -0.13
CA ILE B 66 18.07 1.18 0.65
C ILE B 66 16.60 1.40 0.90
N GLY B 67 15.96 2.35 0.22
CA GLY B 67 14.65 2.80 0.62
C GLY B 67 14.00 3.77 -0.31
N ASN B 68 12.69 3.91 -0.18
CA ASN B 68 11.82 4.38 -1.26
C ASN B 68 10.48 4.86 -0.71
N GLY B 69 9.85 5.78 -1.40
CA GLY B 69 8.49 6.24 -1.02
C GLY B 69 8.17 7.43 -1.89
N SER B 70 6.98 7.97 -1.76
CA SER B 70 6.62 9.17 -2.53
C SER B 70 7.45 10.43 -2.13
N PHE B 71 7.93 10.47 -0.88
CA PHE B 71 8.90 11.48 -0.43
C PHE B 71 10.25 11.51 -1.20
N GLY B 72 10.80 10.37 -1.54
CA GLY B 72 12.10 10.31 -2.21
C GLY B 72 12.79 9.01 -1.85
N VAL B 73 14.00 9.09 -1.29
CA VAL B 73 14.90 7.97 -1.13
C VAL B 73 15.51 7.87 0.24
N VAL B 74 15.92 6.67 0.64
CA VAL B 74 16.68 6.54 1.83
C VAL B 74 17.97 5.86 1.51
N TYR B 75 19.08 6.49 1.87
CA TYR B 75 20.40 5.90 1.70
C TYR B 75 20.86 5.45 3.05
N GLN B 76 21.91 4.66 3.04
CA GLN B 76 22.67 4.31 4.22
C GLN B 76 24.06 4.97 4.10
N ALA B 77 24.70 5.24 5.24
CA ALA B 77 26.04 5.77 5.24
C ALA B 77 26.79 5.45 6.51
N LYS B 78 28.11 5.54 6.38
CA LYS B 78 29.08 5.32 7.43
C LYS B 78 29.68 6.69 7.74
N LEU B 79 29.42 7.15 8.97
CA LEU B 79 30.04 8.38 9.52
C LEU B 79 31.55 8.17 9.71
N CYS B 80 32.36 9.07 9.15
CA CYS B 80 33.82 8.93 9.19
C CYS B 80 34.42 8.92 10.58
N ASP B 81 33.98 9.82 11.44
CA ASP B 81 34.53 9.93 12.80
C ASP B 81 34.10 8.75 13.64
N SER B 82 32.80 8.73 13.96
CA SER B 82 32.18 7.69 14.77
C SER B 82 32.48 6.28 14.27
N GLY B 83 32.45 6.07 12.95
CA GLY B 83 32.45 4.75 12.35
C GLY B 83 31.05 4.29 11.98
N GLU B 84 30.03 4.69 12.78
CA GLU B 84 28.63 4.16 12.73
C GLU B 84 27.85 4.29 11.43
N LEU B 85 26.99 3.29 11.26
CA LEU B 85 26.06 3.19 10.14
C LEU B 85 24.84 4.07 10.41
N VAL B 86 24.40 4.81 9.39
CA VAL B 86 23.24 5.67 9.53
C VAL B 86 22.35 5.66 8.29
N ALA B 87 21.10 6.02 8.49
CA ALA B 87 20.22 6.22 7.36
C ALA B 87 20.10 7.70 7.08
N ILE B 88 20.10 8.04 5.79
CA ILE B 88 19.83 9.40 5.37
C ILE B 88 18.59 9.27 4.51
N LYS B 89 17.55 10.00 4.88
CA LYS B 89 16.32 10.06 4.18
C LYS B 89 16.22 11.43 3.49
N LYS B 90 16.30 11.38 2.15
CA LYS B 90 16.30 12.53 1.30
C LYS B 90 14.87 12.80 0.78
N VAL B 91 14.23 13.90 1.24
CA VAL B 91 12.87 14.29 0.78
C VAL B 91 12.94 15.61 0.09
N LEU B 92 12.33 15.74 -1.10
CA LEU B 92 12.21 17.04 -1.82
C LEU B 92 11.36 17.96 -0.97
N GLN B 93 11.94 19.08 -0.53
CA GLN B 93 11.23 19.97 0.39
C GLN B 93 10.98 21.31 -0.27
N ASP B 94 9.92 21.31 -1.08
CA ASP B 94 9.20 22.50 -1.53
C ASP B 94 9.10 23.56 -0.42
N LYS B 95 9.68 24.73 -0.68
CA LYS B 95 9.76 25.83 0.31
C LYS B 95 8.39 26.38 0.76
N ARG B 96 7.35 26.18 -0.06
CA ARG B 96 5.91 26.44 0.27
C ARG B 96 5.45 26.13 1.72
N PHE B 97 6.10 25.19 2.42
CA PHE B 97 5.89 24.98 3.88
C PHE B 97 7.10 24.40 4.66
N LYS B 98 6.97 24.45 5.99
CA LYS B 98 7.81 23.71 6.94
C LYS B 98 7.59 22.22 6.72
N ASN B 99 8.60 21.39 7.01
CA ASN B 99 8.44 19.93 6.90
C ASN B 99 7.89 19.37 8.21
N ARG B 100 6.77 18.67 8.11
CA ARG B 100 6.05 18.17 9.32
C ARG B 100 6.92 17.19 10.14
N GLU B 101 7.57 16.26 9.44
CA GLU B 101 8.35 15.23 10.08
C GLU B 101 9.49 15.87 10.85
N LEU B 102 10.21 16.75 10.18
CA LEU B 102 11.27 17.47 10.84
C LEU B 102 10.81 18.13 12.14
N GLN B 103 9.70 18.87 12.10
CA GLN B 103 9.20 19.59 13.29
C GLN B 103 8.87 18.62 14.39
N ILE B 104 8.34 17.46 14.02
CA ILE B 104 8.09 16.41 14.98
C ILE B 104 9.40 15.82 15.51
N MET B 105 10.29 15.41 14.60
CA MET B 105 11.50 14.71 15.02
C MET B 105 12.34 15.56 15.94
N ARG B 106 12.34 16.88 15.76
CA ARG B 106 13.21 17.72 16.60
C ARG B 106 12.76 17.86 18.03
N LYS B 107 11.53 17.47 18.34
CA LYS B 107 11.08 17.54 19.70
C LYS B 107 11.34 16.28 20.47
N LEU B 108 11.66 15.19 19.78
CA LEU B 108 11.64 13.82 20.40
C LEU B 108 13.02 13.29 20.79
N ASP B 109 13.24 12.91 22.04
CA ASP B 109 14.51 12.27 22.45
C ASP B 109 14.15 11.11 23.34
N HIS B 110 14.30 9.87 22.86
CA HIS B 110 13.80 8.71 23.62
C HIS B 110 14.44 7.40 23.16
N CYS B 111 14.76 6.56 24.11
CA CYS B 111 15.50 5.31 23.82
C CYS B 111 14.81 4.40 22.79
N ASN B 112 13.49 4.44 22.78
CA ASN B 112 12.64 3.67 21.86
C ASN B 112 12.09 4.45 20.66
N ILE B 113 12.67 5.61 20.35
CA ILE B 113 12.35 6.30 19.12
C ILE B 113 13.63 6.44 18.30
N VAL B 114 13.51 6.32 16.98
CA VAL B 114 14.65 6.51 16.09
C VAL B 114 15.16 7.93 16.33
N ARG B 115 16.46 8.06 16.57
CA ARG B 115 17.05 9.34 16.88
C ARG B 115 17.34 10.09 15.61
N LEU B 116 16.99 11.38 15.59
CA LEU B 116 17.45 12.26 14.51
C LEU B 116 18.86 12.79 14.86
N ARG B 117 19.90 12.20 14.27
CA ARG B 117 21.27 12.62 14.54
C ARG B 117 21.47 14.07 14.08
N TYR B 118 21.12 14.33 12.82
CA TYR B 118 21.40 15.59 12.16
C TYR B 118 20.40 15.75 11.06
N PHE B 119 20.31 16.96 10.51
CA PHE B 119 19.64 17.18 9.21
C PHE B 119 20.33 18.24 8.43
N PHE B 120 20.12 18.23 7.14
CA PHE B 120 20.77 19.17 6.26
C PHE B 120 20.09 19.26 4.93
N TYR B 121 20.32 20.37 4.24
CA TYR B 121 19.70 20.65 2.95
C TYR B 121 20.74 20.41 1.85
N SER B 122 20.30 20.19 0.61
CA SER B 122 21.19 19.81 -0.50
C SER B 122 20.56 20.07 -1.89
N SER B 123 21.37 19.95 -2.95
CA SER B 123 20.97 20.25 -4.34
C SER B 123 21.11 19.01 -5.20
N LYS B 127 18.79 21.00 -11.12
CA LYS B 127 18.27 22.22 -11.72
C LYS B 127 18.06 23.31 -10.67
N ASP B 128 17.01 23.18 -9.87
CA ASP B 128 16.52 24.28 -9.04
C ASP B 128 15.97 23.84 -7.68
N GLU B 129 16.41 22.67 -7.23
CA GLU B 129 15.65 21.85 -6.28
C GLU B 129 16.31 21.83 -4.91
N VAL B 130 15.52 22.05 -3.85
CA VAL B 130 15.98 21.93 -2.45
C VAL B 130 15.46 20.61 -1.81
N TYR B 131 16.38 19.72 -1.43
CA TYR B 131 16.04 18.52 -0.67
C TYR B 131 16.41 18.64 0.81
N LEU B 132 15.50 18.25 1.69
CA LEU B 132 15.83 18.03 3.10
C LEU B 132 16.44 16.66 3.20
N ASN B 133 17.33 16.47 4.18
CA ASN B 133 17.99 15.21 4.43
C ASN B 133 17.97 14.97 5.91
N LEU B 134 17.46 13.81 6.31
CA LEU B 134 17.35 13.43 7.70
C LEU B 134 18.34 12.32 8.00
N VAL B 135 19.33 12.60 8.84
CA VAL B 135 20.26 11.58 9.25
C VAL B 135 19.72 10.94 10.49
N LEU B 136 19.47 9.64 10.41
CA LEU B 136 18.73 8.88 11.39
C LEU B 136 19.44 7.61 11.71
N ASP B 137 19.09 6.98 12.81
CA ASP B 137 19.65 5.67 13.15
C ASP B 137 19.44 4.66 11.99
N TYR B 138 20.46 3.85 11.75
CA TYR B 138 20.31 2.65 10.94
C TYR B 138 20.23 1.51 11.91
N VAL B 139 19.22 0.68 11.76
CA VAL B 139 19.09 -0.48 12.60
C VAL B 139 18.88 -1.65 11.67
N PRO B 140 19.61 -2.78 11.88
CA PRO B 140 19.62 -3.80 10.82
C PRO B 140 18.35 -4.66 10.71
N GLU B 141 17.62 -4.89 11.80
CA GLU B 141 16.40 -5.71 11.71
C GLU B 141 15.13 -4.97 12.04
N THR B 142 14.00 -5.60 11.75
CA THR B 142 12.65 -5.11 12.10
C THR B 142 11.81 -6.23 12.75
N VAL B 143 10.72 -5.86 13.42
CA VAL B 143 9.84 -6.84 14.02
C VAL B 143 9.15 -7.61 12.91
N TYR B 144 8.93 -7.02 11.75
CA TYR B 144 8.30 -7.76 10.63
C TYR B 144 9.19 -8.94 10.23
N ARG B 145 10.47 -8.66 10.03
CA ARG B 145 11.41 -9.68 9.62
C ARG B 145 11.60 -10.80 10.60
N VAL B 146 11.74 -10.47 11.86
CA VAL B 146 11.81 -11.50 12.89
C VAL B 146 10.54 -12.32 12.94
N ALA B 147 9.39 -11.67 12.94
CA ALA B 147 8.12 -12.39 12.92
C ALA B 147 8.07 -13.38 11.77
N ARG B 148 8.38 -12.93 10.56
CA ARG B 148 8.43 -13.79 9.35
C ARG B 148 9.25 -15.05 9.44
N HIS B 149 10.48 -14.95 9.91
CA HIS B 149 11.29 -16.15 10.01
C HIS B 149 10.58 -17.16 10.90
N TYR B 150 9.88 -16.72 11.96
CA TYR B 150 9.12 -17.67 12.77
C TYR B 150 7.89 -18.23 12.07
N SER B 151 7.13 -17.38 11.43
CA SER B 151 5.97 -17.85 10.69
C SER B 151 6.32 -18.80 9.53
N ARG B 152 7.37 -18.49 8.78
CA ARG B 152 7.77 -19.36 7.68
C ARG B 152 8.39 -20.67 8.16
N ALA B 153 8.81 -20.73 9.43
CA ALA B 153 9.10 -22.02 10.10
C ALA B 153 7.85 -22.56 10.87
N LYS B 154 6.65 -22.17 10.44
CA LYS B 154 5.42 -22.51 11.15
C LYS B 154 5.52 -22.47 12.70
N GLN B 155 6.39 -21.60 13.19
CA GLN B 155 6.84 -21.58 14.58
C GLN B 155 6.34 -20.33 15.33
N THR B 156 6.29 -20.44 16.65
CA THR B 156 5.74 -19.37 17.50
C THR B 156 6.87 -18.52 18.08
N LEU B 157 6.79 -17.19 17.97
CA LEU B 157 7.78 -16.28 18.58
C LEU B 157 7.62 -16.32 20.09
N PRO B 158 8.69 -16.63 20.86
CA PRO B 158 8.48 -16.81 22.31
C PRO B 158 7.94 -15.57 23.01
N VAL B 159 7.16 -15.82 24.03
CA VAL B 159 6.38 -14.80 24.64
C VAL B 159 7.27 -13.73 25.26
N ILE B 160 8.45 -14.11 25.75
CA ILE B 160 9.33 -13.10 26.35
C ILE B 160 9.64 -12.01 25.32
N TYR B 161 9.89 -12.40 24.07
CA TYR B 161 10.15 -11.42 23.03
C TYR B 161 8.90 -10.54 22.74
N VAL B 162 7.73 -11.14 22.89
CA VAL B 162 6.49 -10.47 22.67
C VAL B 162 6.30 -9.48 23.78
N LYS B 163 6.63 -9.86 25.01
CA LYS B 163 6.53 -8.90 26.12
C LYS B 163 7.49 -7.72 25.90
N LEU B 164 8.75 -8.06 25.73
CA LEU B 164 9.77 -7.09 25.48
C LEU B 164 9.49 -6.12 24.38
N TYR B 165 9.02 -6.62 23.24
CA TYR B 165 8.79 -5.76 22.08
C TYR B 165 7.56 -4.88 22.29
N MET B 166 6.46 -5.48 22.69
CA MET B 166 5.27 -4.68 23.02
C MET B 166 5.49 -3.65 24.10
N TYR B 167 6.10 -4.04 25.20
CA TYR B 167 6.30 -3.06 26.26
C TYR B 167 7.00 -1.87 25.67
N GLN B 168 8.04 -2.09 24.89
CA GLN B 168 8.78 -0.95 24.34
C GLN B 168 8.00 -0.10 23.35
N LEU B 169 7.13 -0.72 22.56
CA LEU B 169 6.27 0.05 21.68
C LEU B 169 5.37 1.00 22.48
N PHE B 170 4.73 0.49 23.54
CA PHE B 170 3.84 1.33 24.33
C PHE B 170 4.56 2.44 24.97
N ARG B 171 5.79 2.26 25.43
CA ARG B 171 6.55 3.41 25.99
C ARG B 171 6.71 4.46 24.93
N SER B 172 7.13 4.04 23.72
CA SER B 172 7.38 4.98 22.64
C SER B 172 6.13 5.72 22.36
N LEU B 173 4.99 5.04 22.34
CA LEU B 173 3.69 5.73 22.20
C LEU B 173 3.27 6.65 23.35
N ALA B 174 3.52 6.25 24.60
CA ALA B 174 3.28 7.11 25.77
C ALA B 174 4.04 8.40 25.61
N TYR B 175 5.27 8.26 25.14
CA TYR B 175 6.13 9.38 24.95
C TYR B 175 5.59 10.34 23.91
N ILE B 176 5.40 9.88 22.67
CA ILE B 176 4.90 10.80 21.65
C ILE B 176 3.47 11.31 21.98
N HIS B 177 2.63 10.47 22.60
CA HIS B 177 1.27 10.88 22.92
C HIS B 177 1.24 11.99 23.95
N SER B 178 2.26 12.06 24.81
CA SER B 178 2.38 13.19 25.75
C SER B 178 2.59 14.56 25.09
N PHE B 179 3.13 14.63 23.88
CA PHE B 179 3.16 15.86 23.05
C PHE B 179 1.95 16.06 22.14
N GLY B 180 0.93 15.22 22.24
CA GLY B 180 -0.18 15.28 21.31
C GLY B 180 0.14 14.78 19.90
N ILE B 181 1.18 13.95 19.76
CA ILE B 181 1.56 13.42 18.47
C ILE B 181 1.11 11.97 18.26
N CYS B 182 0.52 11.74 17.11
CA CYS B 182 -0.04 10.48 16.78
C CYS B 182 0.78 9.98 15.58
N HIS B 183 1.34 8.79 15.69
CA HIS B 183 2.19 8.24 14.66
C HIS B 183 1.43 7.97 13.35
N ARG B 184 0.29 7.30 13.50
CA ARG B 184 -0.60 6.92 12.41
C ARG B 184 -0.03 5.95 11.36
N ASP B 185 1.15 5.37 11.56
CA ASP B 185 1.58 4.17 10.83
C ASP B 185 2.26 3.10 11.70
N ILE B 186 1.67 2.82 12.87
CA ILE B 186 2.14 1.70 13.67
C ILE B 186 1.92 0.41 12.87
N LYS B 187 3.03 -0.30 12.64
CA LYS B 187 3.04 -1.65 12.04
C LYS B 187 4.42 -2.35 12.29
N PRO B 188 4.47 -3.68 12.18
CA PRO B 188 5.75 -4.34 12.43
C PRO B 188 6.90 -3.87 11.54
N GLN B 189 6.64 -3.49 10.28
CA GLN B 189 7.70 -3.01 9.38
C GLN B 189 8.32 -1.69 9.88
N ASN B 190 7.67 -1.01 10.82
CA ASN B 190 8.13 0.26 11.35
C ASN B 190 8.57 0.09 12.81
N LEU B 191 8.86 -1.14 13.23
CA LEU B 191 9.48 -1.39 14.53
C LEU B 191 10.88 -1.96 14.35
N LEU B 192 11.85 -1.08 14.47
CA LEU B 192 13.25 -1.44 14.35
C LEU B 192 13.70 -2.18 15.59
N LEU B 193 14.48 -3.24 15.40
CA LEU B 193 15.13 -3.88 16.54
C LEU B 193 16.55 -4.31 16.25
N ASP B 194 17.35 -4.14 17.29
CA ASP B 194 18.65 -4.70 17.42
C ASP B 194 18.39 -6.03 18.16
N PRO B 195 18.66 -7.16 17.48
CA PRO B 195 18.31 -8.46 18.08
C PRO B 195 19.21 -8.97 19.24
N ASP B 196 20.33 -8.31 19.52
CA ASP B 196 21.25 -8.71 20.56
C ASP B 196 20.86 -8.04 21.85
N THR B 197 20.72 -6.72 21.81
CA THR B 197 20.25 -5.95 22.96
C THR B 197 18.75 -6.14 23.27
N ALA B 198 17.98 -6.51 22.24
CA ALA B 198 16.53 -6.46 22.27
C ALA B 198 15.90 -5.03 22.36
N VAL B 199 16.62 -3.99 21.98
CA VAL B 199 16.07 -2.63 21.91
C VAL B 199 15.18 -2.49 20.69
N LEU B 200 13.98 -1.96 20.92
CA LEU B 200 13.03 -1.73 19.86
C LEU B 200 12.95 -0.23 19.70
N LYS B 201 12.85 0.25 18.47
CA LYS B 201 12.80 1.65 18.18
C LYS B 201 11.69 1.91 17.19
N LEU B 202 10.74 2.75 17.60
CA LEU B 202 9.71 3.20 16.72
C LEU B 202 10.36 4.05 15.65
N CYS B 203 9.93 3.89 14.39
CA CYS B 203 10.51 4.67 13.30
C CYS B 203 9.47 5.10 12.27
N ASP B 204 9.92 5.83 11.25
CA ASP B 204 9.14 6.31 10.11
C ASP B 204 7.99 7.22 10.50
N PHE B 205 8.31 8.49 10.74
CA PHE B 205 7.31 9.46 11.19
C PHE B 205 6.72 10.28 10.03
N GLY B 206 6.79 9.75 8.81
CA GLY B 206 6.22 10.43 7.64
C GLY B 206 4.70 10.59 7.58
N SER B 207 3.98 9.97 8.51
CA SER B 207 2.55 10.13 8.64
C SER B 207 2.18 10.75 9.94
N ALA B 208 3.11 10.93 10.86
CA ALA B 208 2.79 11.41 12.19
C ALA B 208 2.30 12.84 12.10
N LYS B 209 1.48 13.24 13.08
CA LYS B 209 0.90 14.60 13.14
C LYS B 209 0.49 14.92 14.55
N GLN B 210 0.61 16.20 14.90
CA GLN B 210 0.03 16.70 16.16
C GLN B 210 -1.48 16.80 15.96
N LEU B 211 -2.25 16.22 16.84
CA LEU B 211 -3.71 16.30 16.73
C LEU B 211 -4.21 17.34 17.69
N VAL B 212 -5.12 18.18 17.20
CA VAL B 212 -5.76 19.20 17.99
C VAL B 212 -7.25 18.95 17.89
N ARG B 213 -7.96 18.82 19.03
CA ARG B 213 -9.45 18.70 19.09
C ARG B 213 -10.05 19.88 18.36
N GLY B 214 -10.82 19.62 17.31
CA GLY B 214 -11.36 20.67 16.46
C GLY B 214 -10.81 20.63 15.05
N GLU B 215 -9.50 20.50 14.90
CA GLU B 215 -8.92 20.36 13.57
C GLU B 215 -9.19 18.96 13.02
N PRO B 216 -9.87 18.85 11.86
CA PRO B 216 -10.21 17.54 11.31
C PRO B 216 -9.02 16.91 10.61
N ASN B 217 -9.02 15.57 10.51
CA ASN B 217 -7.88 14.80 9.99
C ASN B 217 -8.35 13.77 8.99
N VAL B 218 -7.44 13.31 8.14
CA VAL B 218 -7.73 12.41 7.03
C VAL B 218 -8.00 11.04 7.62
N SER B 219 -9.01 10.37 7.07
CA SER B 219 -9.41 9.01 7.47
C SER B 219 -8.57 7.90 6.88
N ILE B 221 -5.73 6.43 6.33
CA ILE B 221 -4.45 6.65 6.99
C ILE B 221 -4.21 5.33 7.73
N CYS B 222 -2.95 5.08 8.16
CA CYS B 222 -2.47 3.78 8.63
C CYS B 222 -2.51 2.77 7.55
N SER B 223 -1.71 1.70 7.69
CA SER B 223 -1.81 0.56 6.78
C SER B 223 -3.01 -0.28 7.11
N ARG B 224 -3.67 -0.73 6.07
CA ARG B 224 -4.95 -1.36 6.18
C ARG B 224 -5.08 -2.33 7.34
N TYR B 225 -4.16 -3.27 7.45
CA TYR B 225 -4.32 -4.34 8.45
C TYR B 225 -4.31 -3.86 9.95
N TYR B 226 -3.78 -2.66 10.13
CA TYR B 226 -3.57 -2.04 11.42
C TYR B 226 -4.52 -0.86 11.63
N ARG B 227 -5.39 -0.61 10.66
CA ARG B 227 -6.19 0.60 10.65
C ARG B 227 -7.38 0.48 11.62
N ALA B 228 -7.49 1.47 12.50
CA ALA B 228 -8.58 1.49 13.49
C ALA B 228 -9.97 1.63 12.81
N PRO B 229 -10.99 1.05 13.41
CA PRO B 229 -12.28 1.02 12.73
C PRO B 229 -12.95 2.40 12.60
N GLU B 230 -12.67 3.32 13.53
CA GLU B 230 -13.04 4.74 13.34
C GLU B 230 -12.71 5.21 11.95
N LEU B 231 -11.46 4.97 11.57
CA LEU B 231 -10.94 5.43 10.31
C LEU B 231 -11.67 4.77 9.11
N ILE B 232 -12.15 3.55 9.29
CA ILE B 232 -12.79 2.88 8.20
C ILE B 232 -14.17 3.44 8.02
N PHE B 233 -14.78 3.81 9.13
CA PHE B 233 -16.02 4.55 9.12
C PHE B 233 -15.83 6.03 8.66
N GLY B 234 -14.67 6.47 8.17
CA GLY B 234 -14.50 7.88 7.74
C GLY B 234 -14.35 8.97 8.81
N ALA B 235 -14.26 8.63 10.08
CA ALA B 235 -14.10 9.65 11.10
C ALA B 235 -12.93 10.57 10.80
N THR B 236 -13.15 11.87 10.90
CA THR B 236 -12.08 12.83 10.76
C THR B 236 -11.78 13.45 12.10
N ASP B 237 -12.53 13.09 13.14
CA ASP B 237 -12.32 13.68 14.46
C ASP B 237 -11.72 12.69 15.44
N TYR B 238 -10.75 11.88 15.00
CA TYR B 238 -10.17 10.80 15.87
C TYR B 238 -9.05 11.30 16.81
N THR B 239 -8.69 10.48 17.78
CA THR B 239 -7.63 10.85 18.71
C THR B 239 -6.49 9.93 18.43
N SER B 240 -5.46 10.00 19.26
CA SER B 240 -4.31 9.16 19.05
C SER B 240 -4.47 7.72 19.54
N SER B 241 -5.64 7.40 20.08
CA SER B 241 -6.00 6.00 20.34
C SER B 241 -6.07 5.14 19.07
N ILE B 242 -5.86 5.72 17.90
CA ILE B 242 -5.75 4.86 16.74
C ILE B 242 -4.43 4.11 16.78
N ASP B 243 -3.40 4.72 17.35
CA ASP B 243 -2.11 4.06 17.50
C ASP B 243 -2.23 2.86 18.42
N VAL B 244 -3.14 2.95 19.39
CA VAL B 244 -3.36 1.88 20.35
C VAL B 244 -4.10 0.66 19.76
N TRP B 245 -5.06 0.94 18.89
CA TRP B 245 -5.71 -0.10 18.11
C TRP B 245 -4.61 -0.81 17.30
N SER B 246 -3.75 -0.04 16.63
CA SER B 246 -2.74 -0.63 15.75
C SER B 246 -1.76 -1.49 16.50
N ALA B 247 -1.35 -1.00 17.66
CA ALA B 247 -0.52 -1.72 18.63
C ALA B 247 -1.18 -3.04 19.06
N GLY B 248 -2.48 -2.97 19.32
CA GLY B 248 -3.26 -4.17 19.50
C GLY B 248 -3.06 -5.21 18.40
N CYS B 249 -3.19 -4.75 17.16
CA CYS B 249 -3.03 -5.59 15.94
C CYS B 249 -1.65 -6.26 15.81
N VAL B 250 -0.63 -5.54 16.27
CA VAL B 250 0.73 -6.03 16.27
C VAL B 250 0.86 -7.11 17.33
N LEU B 251 0.35 -6.84 18.53
CA LEU B 251 0.34 -7.88 19.57
C LEU B 251 -0.37 -9.14 19.09
N ALA B 252 -1.61 -8.99 18.69
CA ALA B 252 -2.38 -10.11 18.17
C ALA B 252 -1.59 -10.92 17.15
N GLU B 253 -1.04 -10.22 16.16
CA GLU B 253 -0.21 -10.81 15.10
C GLU B 253 0.99 -11.59 15.57
N LEU B 254 1.66 -11.13 16.60
CA LEU B 254 2.81 -11.86 17.15
C LEU B 254 2.43 -13.13 17.89
N LEU B 255 1.25 -13.14 18.53
CA LEU B 255 0.68 -14.37 19.09
C LEU B 255 0.09 -15.32 18.01
N LEU B 256 -0.60 -14.80 17.01
CA LEU B 256 -1.15 -15.65 15.96
C LEU B 256 -0.18 -16.15 14.93
N GLY B 257 0.91 -15.42 14.73
CA GLY B 257 1.81 -15.72 13.64
C GLY B 257 1.30 -15.22 12.29
N GLN B 258 0.09 -14.73 12.20
CA GLN B 258 -0.30 -14.00 11.02
C GLN B 258 -1.08 -12.78 11.46
N PRO B 259 -1.38 -11.84 10.53
CA PRO B 259 -2.20 -10.67 10.90
C PRO B 259 -3.61 -11.07 11.33
N ILE B 260 -4.13 -10.48 12.38
CA ILE B 260 -5.47 -10.81 12.86
C ILE B 260 -6.64 -10.39 11.91
N PHE B 261 -6.44 -9.36 11.11
CA PHE B 261 -7.51 -8.84 10.25
C PHE B 261 -6.97 -8.61 8.81
N PRO B 262 -6.86 -9.67 8.03
CA PRO B 262 -6.28 -9.54 6.68
C PRO B 262 -7.31 -9.12 5.62
N GLY B 263 -7.45 -7.82 5.40
CA GLY B 263 -8.50 -7.26 4.55
C GLY B 263 -8.09 -7.15 3.09
N ASP B 264 -9.00 -7.52 2.20
CA ASP B 264 -8.77 -7.36 0.74
C ASP B 264 -8.74 -5.92 0.28
N SER B 265 -9.41 -5.03 0.99
CA SER B 265 -9.51 -3.62 0.65
C SER B 265 -9.90 -2.84 1.90
N GLY B 266 -9.75 -1.53 1.82
CA GLY B 266 -10.13 -0.59 2.88
C GLY B 266 -11.46 -0.82 3.59
N VAL B 267 -12.40 -1.45 2.90
CA VAL B 267 -13.76 -1.65 3.36
C VAL B 267 -13.94 -3.10 3.83
N ASP B 268 -13.36 -4.06 3.09
CA ASP B 268 -13.34 -5.44 3.58
C ASP B 268 -12.63 -5.54 4.92
N GLN B 269 -11.68 -4.62 5.17
CA GLN B 269 -11.00 -4.58 6.43
C GLN B 269 -12.00 -4.60 7.58
N LEU B 270 -13.09 -3.85 7.45
CA LEU B 270 -14.10 -3.79 8.50
C LEU B 270 -14.76 -5.16 8.74
N VAL B 271 -15.01 -5.87 7.64
CA VAL B 271 -15.65 -7.18 7.65
C VAL B 271 -14.83 -8.15 8.47
N GLU B 272 -13.52 -8.12 8.20
CA GLU B 272 -12.56 -8.96 8.91
C GLU B 272 -12.59 -8.72 10.42
N ILE B 273 -12.53 -7.44 10.78
CA ILE B 273 -12.72 -7.02 12.17
C ILE B 273 -14.02 -7.59 12.78
N ILE B 274 -15.12 -7.44 12.04
CA ILE B 274 -16.45 -7.88 12.48
C ILE B 274 -16.53 -9.39 12.65
N LYS B 275 -15.81 -10.14 11.82
CA LYS B 275 -15.68 -11.60 12.07
C LYS B 275 -15.19 -11.94 13.47
N VAL B 276 -14.42 -11.06 14.12
CA VAL B 276 -13.88 -11.32 15.48
C VAL B 276 -14.62 -10.57 16.57
N LEU B 277 -14.72 -9.27 16.44
CA LEU B 277 -15.33 -8.47 17.49
C LEU B 277 -16.87 -8.58 17.45
N GLY B 278 -17.41 -9.14 16.36
CA GLY B 278 -18.86 -9.09 16.15
C GLY B 278 -19.33 -7.72 15.74
N THR B 279 -20.59 -7.62 15.36
CA THR B 279 -21.09 -6.37 14.85
C THR B 279 -21.07 -5.27 15.93
N PRO B 280 -20.61 -4.09 15.55
CA PRO B 280 -20.63 -3.04 16.53
C PRO B 280 -22.05 -2.56 16.78
N THR B 281 -22.31 -2.22 18.05
CA THR B 281 -23.63 -1.69 18.44
C THR B 281 -23.86 -0.34 17.80
N ARG B 282 -25.12 0.10 17.88
CA ARG B 282 -25.51 1.42 17.37
C ARG B 282 -24.65 2.47 18.06
N GLU B 283 -24.41 2.28 19.37
CA GLU B 283 -23.67 3.31 20.14
C GLU B 283 -22.15 3.27 19.86
N GLN B 284 -21.61 2.07 19.69
CA GLN B 284 -20.24 1.94 19.22
C GLN B 284 -20.03 2.64 17.87
N ILE B 285 -20.93 2.37 16.93
CA ILE B 285 -20.90 3.06 15.69
C ILE B 285 -20.88 4.58 15.88
N ARG B 286 -21.66 5.13 16.81
CA ARG B 286 -21.68 6.61 17.08
C ARG B 286 -20.37 7.11 17.69
N GLU B 287 -19.81 6.34 18.64
CA GLU B 287 -18.55 6.73 19.30
C GLU B 287 -17.31 6.72 18.38
N MET B 288 -17.42 6.01 17.27
CA MET B 288 -16.35 5.95 16.29
C MET B 288 -16.40 7.17 15.39
N ASN B 289 -17.57 7.42 14.83
CA ASN B 289 -17.78 8.55 13.91
C ASN B 289 -19.21 8.98 14.14
N PRO B 290 -19.42 10.16 14.80
CA PRO B 290 -20.80 10.66 15.11
C PRO B 290 -21.87 10.73 13.97
N ASN B 291 -21.47 10.78 12.70
CA ASN B 291 -22.40 10.94 11.55
C ASN B 291 -22.83 9.61 10.91
N TYR B 292 -23.93 9.62 10.14
CA TYR B 292 -24.44 8.40 9.48
C TYR B 292 -23.43 7.81 8.48
N THR B 293 -23.47 6.49 8.27
CA THR B 293 -22.43 5.77 7.46
C THR B 293 -22.82 4.33 7.03
N GLU B 294 -23.19 4.21 5.74
CA GLU B 294 -24.11 3.17 5.27
C GLU B 294 -23.44 1.95 4.66
N PHE B 295 -22.72 1.17 5.46
CA PHE B 295 -22.22 -0.15 4.98
C PHE B 295 -23.38 -1.13 5.16
N LYS B 296 -23.57 -2.06 4.21
CA LYS B 296 -24.65 -3.07 4.35
C LYS B 296 -24.09 -4.40 4.90
N PHE B 297 -23.41 -4.29 6.05
CA PHE B 297 -22.80 -5.44 6.74
C PHE B 297 -23.86 -6.36 7.42
N PRO B 298 -23.76 -7.70 7.20
CA PRO B 298 -24.57 -8.61 8.01
C PRO B 298 -24.48 -8.37 9.54
N GLN B 299 -25.54 -8.75 10.26
CA GLN B 299 -25.56 -8.68 11.72
C GLN B 299 -24.87 -9.94 12.31
N ILE B 300 -23.55 -9.86 12.55
CA ILE B 300 -22.69 -10.99 12.96
C ILE B 300 -22.44 -10.99 14.48
N LYS B 301 -22.27 -12.17 15.04
CA LYS B 301 -22.09 -12.36 16.47
C LYS B 301 -20.60 -12.35 16.80
N ALA B 302 -20.23 -11.78 17.95
CA ALA B 302 -18.82 -11.78 18.37
C ALA B 302 -18.26 -13.19 18.55
N HIS B 303 -17.05 -13.41 18.05
CA HIS B 303 -16.27 -14.62 18.31
C HIS B 303 -15.48 -14.38 19.60
N PRO B 304 -15.54 -15.28 20.60
CA PRO B 304 -14.85 -14.98 21.89
C PRO B 304 -13.32 -15.12 21.87
N TRP B 305 -12.70 -14.30 22.70
CA TRP B 305 -11.28 -14.04 22.61
C TRP B 305 -10.39 -15.24 22.72
N THR B 306 -10.70 -16.14 23.63
CA THR B 306 -9.82 -17.29 23.87
C THR B 306 -9.82 -18.21 22.62
N LYS B 307 -10.99 -18.41 22.02
CA LYS B 307 -11.10 -19.15 20.75
C LYS B 307 -10.33 -18.55 19.54
N VAL B 308 -9.96 -17.27 19.58
CA VAL B 308 -9.24 -16.62 18.48
C VAL B 308 -7.79 -17.06 18.45
N PHE B 309 -7.16 -17.17 19.64
CA PHE B 309 -5.74 -17.50 19.76
C PHE B 309 -5.48 -18.96 20.05
N ARG B 310 -4.36 -19.47 19.53
CA ARG B 310 -3.99 -20.86 19.73
C ARG B 310 -4.03 -21.22 21.20
N PRO B 311 -4.51 -22.44 21.50
CA PRO B 311 -4.72 -22.81 22.90
C PRO B 311 -3.36 -22.79 23.59
N ARG B 312 -3.35 -22.49 24.89
CA ARG B 312 -2.09 -22.34 25.65
C ARG B 312 -1.41 -20.95 25.47
N THR B 313 -2.06 -20.05 24.72
CA THR B 313 -1.69 -18.63 24.68
C THR B 313 -1.92 -18.06 26.09
N PRO B 314 -0.91 -17.40 26.69
CA PRO B 314 -1.13 -17.02 28.11
C PRO B 314 -2.24 -15.99 28.23
N PRO B 315 -3.18 -16.21 29.16
CA PRO B 315 -4.41 -15.42 29.24
C PRO B 315 -4.25 -13.92 29.58
N GLU B 316 -3.12 -13.51 30.16
CA GLU B 316 -2.89 -12.05 30.42
C GLU B 316 -2.55 -11.31 29.08
N ALA B 317 -2.00 -12.03 28.10
CA ALA B 317 -1.87 -11.50 26.74
C ALA B 317 -3.23 -11.26 26.08
N ILE B 318 -4.13 -12.21 26.28
CA ILE B 318 -5.46 -12.10 25.73
C ILE B 318 -6.23 -10.96 26.42
N ALA B 319 -6.14 -10.83 27.73
CA ALA B 319 -6.82 -9.72 28.40
C ALA B 319 -6.31 -8.34 27.94
N LEU B 320 -5.00 -8.24 27.70
CA LEU B 320 -4.35 -7.04 27.13
C LEU B 320 -4.93 -6.76 25.77
N CYS B 321 -4.94 -7.79 24.94
CA CYS B 321 -5.48 -7.69 23.59
C CYS B 321 -6.94 -7.24 23.50
N SER B 322 -7.79 -7.74 24.38
CA SER B 322 -9.21 -7.37 24.40
C SER B 322 -9.45 -5.92 24.83
N ARG B 323 -8.50 -5.36 25.55
CA ARG B 323 -8.61 -3.98 26.02
C ARG B 323 -7.94 -2.96 25.11
N LEU B 324 -7.52 -3.45 23.96
CA LEU B 324 -6.87 -2.68 22.93
C LEU B 324 -7.71 -2.70 21.68
N LEU B 325 -8.21 -3.85 21.28
CA LEU B 325 -9.07 -3.93 20.11
C LEU B 325 -10.53 -3.79 20.52
N GLU B 326 -10.86 -2.65 21.10
CA GLU B 326 -12.22 -2.31 21.43
C GLU B 326 -12.68 -1.40 20.30
N TYR B 327 -13.93 -1.58 19.87
CA TYR B 327 -14.56 -0.62 18.96
C TYR B 327 -14.58 0.84 19.50
N THR B 328 -14.87 1.03 20.79
CA THR B 328 -15.04 2.37 21.36
C THR B 328 -13.69 3.04 21.64
N PRO B 329 -13.36 4.10 20.91
CA PRO B 329 -11.94 4.49 20.97
C PRO B 329 -11.46 4.92 22.35
N THR B 330 -12.31 5.64 23.06
CA THR B 330 -12.10 5.98 24.48
C THR B 330 -12.07 4.81 25.45
N ALA B 331 -12.44 3.63 24.99
CA ALA B 331 -12.45 2.48 25.86
C ALA B 331 -11.09 1.80 25.89
N ARG B 332 -10.21 2.13 24.96
CA ARG B 332 -8.91 1.43 24.85
C ARG B 332 -7.96 1.91 25.92
N LEU B 333 -6.95 1.13 26.22
CA LEU B 333 -5.97 1.54 27.20
C LEU B 333 -5.13 2.61 26.65
N THR B 334 -4.58 3.42 27.55
CA THR B 334 -3.58 4.38 27.16
C THR B 334 -2.27 3.63 27.11
N PRO B 335 -1.34 4.06 26.25
CA PRO B 335 -0.09 3.33 26.26
C PRO B 335 0.48 3.18 27.68
N LEU B 336 0.29 4.17 28.53
CA LEU B 336 0.89 4.09 29.85
C LEU B 336 0.25 3.05 30.70
N GLU B 337 -1.07 2.96 30.66
CA GLU B 337 -1.77 1.84 31.29
C GLU B 337 -1.41 0.48 30.69
N ALA B 338 -1.15 0.46 29.39
CA ALA B 338 -0.80 -0.79 28.70
C ALA B 338 0.56 -1.29 29.19
N CYS B 339 1.52 -0.38 29.35
CA CYS B 339 2.81 -0.73 29.98
C CYS B 339 2.63 -1.31 31.36
N ALA B 340 1.67 -0.77 32.10
CA ALA B 340 1.40 -1.20 33.47
C ALA B 340 0.59 -2.50 33.59
N HIS B 341 0.26 -3.12 32.46
CA HIS B 341 -0.60 -4.28 32.48
C HIS B 341 0.13 -5.49 33.08
N SER B 342 -0.65 -6.42 33.61
CA SER B 342 -0.08 -7.61 34.24
C SER B 342 0.65 -8.56 33.26
N PHE B 343 0.53 -8.30 31.96
CA PHE B 343 1.10 -9.18 30.93
C PHE B 343 2.59 -8.91 30.92
N PHE B 344 2.96 -7.69 31.32
CA PHE B 344 4.34 -7.25 31.39
C PHE B 344 5.01 -7.46 32.76
N ASP B 345 4.32 -8.13 33.68
CA ASP B 345 4.89 -8.39 35.01
C ASP B 345 6.28 -9.10 34.95
N GLU B 346 6.48 -10.12 34.10
CA GLU B 346 7.80 -10.80 33.99
C GLU B 346 8.97 -9.85 33.68
N LEU B 347 8.71 -8.74 32.99
CA LEU B 347 9.74 -7.72 32.76
C LEU B 347 10.11 -6.94 34.03
N ARG B 348 9.20 -6.92 35.03
CA ARG B 348 9.42 -6.24 36.31
C ARG B 348 10.00 -7.13 37.44
N ASP B 349 10.01 -8.45 37.26
CA ASP B 349 10.81 -9.40 38.07
C ASP B 349 12.32 -9.03 38.08
N PRO B 350 12.95 -8.89 39.28
CA PRO B 350 14.38 -8.49 39.32
C PRO B 350 15.38 -9.46 38.67
N ASN B 351 14.99 -10.72 38.50
CA ASN B 351 15.88 -11.71 37.87
C ASN B 351 15.87 -11.79 36.37
N VAL B 352 14.88 -11.20 35.73
CA VAL B 352 14.67 -11.44 34.29
C VAL B 352 15.95 -11.24 33.46
N LYS B 353 16.17 -12.14 32.50
CA LYS B 353 17.24 -12.00 31.50
C LYS B 353 16.67 -12.23 30.11
N LEU B 354 17.42 -11.80 29.12
CA LEU B 354 17.12 -12.17 27.73
C LEU B 354 17.39 -13.63 27.52
N PRO B 355 16.81 -14.23 26.49
CA PRO B 355 17.18 -15.59 26.14
C PRO B 355 18.67 -15.77 25.85
N ASN B 356 19.32 -14.74 25.34
CA ASN B 356 20.72 -14.87 24.97
C ASN B 356 21.67 -14.58 26.16
N GLY B 357 21.12 -14.52 27.38
CA GLY B 357 21.90 -14.44 28.60
C GLY B 357 21.99 -13.04 29.17
N ARG B 358 22.05 -12.04 28.25
CA ARG B 358 22.28 -10.63 28.60
C ARG B 358 21.19 -10.02 29.46
N ASP B 359 21.45 -8.82 29.96
CA ASP B 359 20.44 -8.05 30.70
C ASP B 359 19.42 -7.42 29.74
N THR B 360 18.21 -7.18 30.24
CA THR B 360 17.18 -6.54 29.46
C THR B 360 17.63 -5.13 29.19
N PRO B 361 17.06 -4.49 28.15
CA PRO B 361 17.34 -3.06 27.94
C PRO B 361 16.75 -2.23 29.07
N ALA B 362 17.04 -0.93 29.05
CA ALA B 362 16.56 -0.01 30.08
C ALA B 362 15.05 0.04 29.93
N LEU B 363 14.29 -0.34 30.97
CA LEU B 363 12.82 -0.35 30.89
C LEU B 363 12.09 0.50 31.90
N PHE B 364 12.76 0.99 32.94
CA PHE B 364 12.07 1.65 34.04
C PHE B 364 12.57 3.06 34.31
N ASN B 365 13.22 3.64 33.32
CA ASN B 365 13.83 4.95 33.44
C ASN B 365 12.90 5.96 32.79
N PHE B 366 11.71 6.11 33.39
CA PHE B 366 10.70 7.06 32.92
C PHE B 366 11.03 8.50 33.32
N THR B 367 11.06 9.39 32.35
CA THR B 367 11.07 10.82 32.64
C THR B 367 9.64 11.28 33.00
N THR B 368 9.55 12.48 33.59
CA THR B 368 8.28 12.98 34.07
C THR B 368 7.33 13.30 32.91
N GLN B 369 7.86 13.78 31.79
CA GLN B 369 7.10 13.89 30.54
C GLN B 369 6.35 12.58 30.21
N GLU B 370 7.11 11.49 30.16
CA GLU B 370 6.62 10.13 29.86
C GLU B 370 5.47 9.75 30.78
N LEU B 371 5.58 10.12 32.06
CA LEU B 371 4.58 9.79 33.07
C LEU B 371 3.52 10.87 33.30
N SER B 372 3.37 11.79 32.35
CA SER B 372 2.52 12.94 32.55
C SER B 372 1.03 12.57 32.58
N SER B 373 0.59 11.61 31.76
CA SER B 373 -0.84 11.26 31.67
C SER B 373 -1.43 10.54 32.93
N ASN B 374 -0.58 9.93 33.78
CA ASN B 374 -1.06 9.27 35.02
C ASN B 374 0.11 8.94 35.98
N PRO B 375 0.76 10.00 36.57
CA PRO B 375 1.97 9.86 37.42
C PRO B 375 1.98 8.80 38.54
N PRO B 376 0.81 8.46 39.12
CA PRO B 376 0.74 7.32 40.07
C PRO B 376 1.05 5.92 39.54
N LEU B 377 1.02 5.74 38.22
CA LEU B 377 1.41 4.46 37.65
C LEU B 377 2.90 4.14 37.90
N ALA B 378 3.69 5.18 38.21
CA ALA B 378 5.07 5.02 38.66
C ALA B 378 5.23 3.91 39.73
N THR B 379 4.29 3.82 40.66
CA THR B 379 4.30 2.77 41.68
C THR B 379 4.34 1.36 41.06
N ILE B 380 3.74 1.19 39.88
CA ILE B 380 3.73 -0.10 39.22
C ILE B 380 4.81 -0.16 38.15
N LEU B 381 5.01 0.91 37.40
CA LEU B 381 5.94 0.87 36.26
C LEU B 381 7.39 0.77 36.70
N ILE B 382 7.68 1.32 37.89
CA ILE B 382 9.04 1.36 38.46
C ILE B 382 9.07 0.51 39.74
N PRO B 383 9.54 -0.75 39.63
CA PRO B 383 9.50 -1.67 40.76
C PRO B 383 10.57 -1.40 41.79
N PRO B 384 10.35 -1.87 43.05
CA PRO B 384 11.28 -1.67 44.18
C PRO B 384 12.75 -1.86 43.81
N HIS B 385 13.06 -2.99 43.20
CA HIS B 385 14.44 -3.36 42.93
C HIS B 385 15.27 -2.33 42.12
N ALA B 386 14.66 -1.38 41.43
CA ALA B 386 15.43 -0.39 40.67
C ALA B 386 14.86 0.99 40.87
N ARG B 387 15.07 1.55 42.06
CA ARG B 387 14.43 2.82 42.48
C ARG B 387 15.36 4.03 42.62
N ILE B 388 16.51 3.84 43.28
CA ILE B 388 17.27 4.93 43.96
C ILE B 388 17.71 6.08 43.03
#